data_7NTE
#
_entry.id   7NTE
#
_cell.length_a   63.770
_cell.length_b   63.620
_cell.length_c   73.700
_cell.angle_alpha   90.000
_cell.angle_beta   103.390
_cell.angle_gamma   90.000
#
_symmetry.space_group_name_H-M   'P 1 21 1'
#
loop_
_entity.id
_entity.type
_entity.pdbx_description
1 polymer 'TRAP dicarboxylate transporter-DctP subunit'
2 non-polymer 'MAGNESIUM ION'
3 water water
#
_entity_poly.entity_id   1
_entity_poly.type   'polypeptide(L)'
_entity_poly.pdbx_seq_one_letter_code
;MQEAEYTLRLHHFFPASAPVHQEYFLPWKEAIEKESDGRLAVELYPSMQLGGTPPSLYDQAKDGQVDIIWTVLGYNSGRF
PRAEVFDLPFLPTSGAATSQAAHEYAMTHMQDELEGVYPIAVHTHSPGALHTKETRIEALEDIEGLKMRGPSRLVNRYLA
KLGAEPIGMPVAQALEALSRGVLDGTVIPFEAITAMGLADITTEHTIFSGDRALYTTMMIVAMDQDKYDALPEDLQPIID
AHAGGREAYRIGQIMDQADHRQILAIQSGEQPGTITRLGSEETARWQAVGQEVVDEWIAEAEEKGLDGQMLYDDATRLVE
RYTRAAALEHHHHHH
;
_entity_poly.pdbx_strand_id   A,B
#
# COMPACT_ATOMS: atom_id res chain seq x y z
N GLN A 2 2.82 8.46 37.37
CA GLN A 2 3.71 9.49 36.74
C GLN A 2 3.02 10.10 35.52
N GLU A 3 3.50 11.26 35.08
CA GLU A 3 3.04 11.86 33.81
C GLU A 3 3.66 11.13 32.64
N ALA A 4 2.98 11.19 31.49
CA ALA A 4 3.37 10.42 30.32
C ALA A 4 4.62 11.00 29.66
N GLU A 5 5.61 10.16 29.43
CA GLU A 5 6.78 10.51 28.62
C GLU A 5 6.45 10.32 27.15
N TYR A 6 5.64 9.32 26.84
CA TYR A 6 5.24 9.06 25.45
C TYR A 6 3.77 8.77 25.39
N THR A 7 3.12 9.30 24.37
CA THR A 7 1.71 9.03 24.13
C THR A 7 1.64 8.23 22.84
N LEU A 8 1.07 7.03 22.91
CA LEU A 8 0.94 6.19 21.71
C LEU A 8 -0.49 6.28 21.21
N ARG A 9 -0.65 6.86 20.01
CA ARG A 9 -1.94 6.94 19.37
C ARG A 9 -2.18 5.71 18.49
N LEU A 10 -3.26 4.99 18.80
CA LEU A 10 -3.65 3.76 18.12
C LEU A 10 -4.86 4.07 17.24
N HIS A 11 -4.73 3.79 15.96
CA HIS A 11 -5.75 4.16 14.98
C HIS A 11 -6.29 2.93 14.25
N HIS A 12 -7.61 2.81 14.16
CA HIS A 12 -8.22 1.78 13.33
C HIS A 12 -9.60 2.20 12.77
N PHE A 13 -10.14 1.34 11.91
CA PHE A 13 -11.33 1.60 11.08
C PHE A 13 -12.63 1.18 11.72
N PHE A 14 -12.57 0.21 12.63
CA PHE A 14 -13.78 -0.37 13.21
C PHE A 14 -14.34 0.55 14.29
N PRO A 15 -15.64 0.42 14.60
CA PRO A 15 -16.20 1.19 15.71
C PRO A 15 -15.72 0.75 17.06
N ALA A 16 -15.82 1.64 18.06
CA ALA A 16 -15.45 1.35 19.42
C ALA A 16 -16.21 0.15 19.99
N SER A 17 -17.43 -0.08 19.51
CA SER A 17 -18.21 -1.27 19.91
C SER A 17 -17.66 -2.61 19.38
N ALA A 18 -16.73 -2.58 18.43
CA ALA A 18 -16.10 -3.82 17.92
C ALA A 18 -15.56 -4.70 19.07
N PRO A 19 -15.83 -6.02 19.01
CA PRO A 19 -15.26 -6.92 20.05
C PRO A 19 -13.75 -6.74 20.32
N VAL A 20 -12.95 -6.58 19.28
CA VAL A 20 -11.51 -6.44 19.46
C VAL A 20 -11.19 -5.12 20.21
N HIS A 21 -11.93 -4.04 19.93
CA HIS A 21 -11.70 -2.79 20.61
C HIS A 21 -12.04 -2.92 22.09
N GLN A 22 -13.23 -3.47 22.35
CA GLN A 22 -13.70 -3.62 23.73
C GLN A 22 -12.90 -4.58 24.57
N GLU A 23 -12.57 -5.74 23.99
CA GLU A 23 -11.96 -6.84 24.73
C GLU A 23 -10.47 -6.98 24.57
N TYR A 24 -9.88 -6.29 23.60
CA TYR A 24 -8.41 -6.30 23.47
C TYR A 24 -7.79 -4.93 23.62
N PHE A 25 -8.22 -3.94 22.84
CA PHE A 25 -7.52 -2.65 22.89
C PHE A 25 -7.75 -1.97 24.23
N LEU A 26 -8.95 -2.03 24.78
CA LEU A 26 -9.17 -1.40 26.09
C LEU A 26 -8.26 -2.02 27.19
N PRO A 27 -8.24 -3.36 27.33
CA PRO A 27 -7.30 -3.95 28.29
C PRO A 27 -5.80 -3.75 27.96
N TRP A 28 -5.48 -3.72 26.67
CA TRP A 28 -4.10 -3.42 26.21
C TRP A 28 -3.66 -2.04 26.71
N LYS A 29 -4.50 -1.05 26.42
CA LYS A 29 -4.31 0.31 26.92
C LYS A 29 -4.08 0.27 28.43
N GLU A 30 -4.95 -0.42 29.17
CA GLU A 30 -4.81 -0.49 30.65
C GLU A 30 -3.49 -1.05 31.11
N ALA A 31 -3.09 -2.17 30.51
CA ALA A 31 -1.88 -2.85 30.92
C ALA A 31 -0.64 -2.01 30.65
N ILE A 32 -0.61 -1.39 29.47
CA ILE A 32 0.54 -0.59 29.08
C ILE A 32 0.69 0.59 30.03
N GLU A 33 -0.41 1.26 30.30
CA GLU A 33 -0.40 2.42 31.20
C GLU A 33 -0.03 2.04 32.65
N LYS A 34 -0.63 0.99 33.17
CA LYS A 34 -0.35 0.58 34.56
C LYS A 34 1.07 0.03 34.76
N GLU A 35 1.52 -0.79 33.82
CA GLU A 35 2.84 -1.43 33.93
C GLU A 35 3.98 -0.46 33.69
N SER A 36 3.72 0.60 32.93
CA SER A 36 4.70 1.67 32.77
C SER A 36 4.63 2.73 33.87
N ASP A 37 3.77 2.54 34.87
CA ASP A 37 3.53 3.52 35.94
C ASP A 37 3.11 4.89 35.38
N GLY A 38 2.35 4.86 34.28
CA GLY A 38 1.88 6.09 33.62
C GLY A 38 2.85 6.73 32.65
N ARG A 39 4.06 6.20 32.52
CA ARG A 39 5.06 6.79 31.64
C ARG A 39 4.64 6.64 30.17
N LEU A 40 3.89 5.58 29.87
CA LEU A 40 3.29 5.38 28.53
C LEU A 40 1.80 5.59 28.64
N ALA A 41 1.29 6.50 27.82
CA ALA A 41 -0.14 6.69 27.66
C ALA A 41 -0.52 6.07 26.31
N VAL A 42 -1.70 5.48 26.25
CA VAL A 42 -2.21 4.91 25.00
C VAL A 42 -3.56 5.54 24.72
N GLU A 43 -3.71 6.14 23.54
CA GLU A 43 -4.95 6.79 23.14
C GLU A 43 -5.53 5.98 21.99
N LEU A 44 -6.78 5.58 22.11
CA LEU A 44 -7.48 4.76 21.14
C LEU A 44 -8.40 5.60 20.27
N TYR A 45 -8.19 5.51 18.96
CA TYR A 45 -8.96 6.21 17.94
C TYR A 45 -9.63 5.23 16.97
N PRO A 46 -10.87 4.80 17.28
CA PRO A 46 -11.59 3.92 16.35
C PRO A 46 -12.20 4.77 15.24
N SER A 47 -12.90 4.09 14.33
CA SER A 47 -13.72 4.73 13.31
C SER A 47 -13.01 5.75 12.44
N MET A 48 -11.73 5.50 12.17
CA MET A 48 -10.88 6.40 11.41
C MET A 48 -10.95 7.84 11.91
N GLN A 49 -10.98 8.01 13.22
CA GLN A 49 -11.17 9.34 13.82
C GLN A 49 -9.98 10.27 13.65
N LEU A 50 -8.81 9.76 13.27
CA LEU A 50 -7.65 10.59 12.96
C LEU A 50 -7.47 10.84 11.46
N GLY A 51 -8.42 10.40 10.64
CA GLY A 51 -8.43 10.75 9.22
C GLY A 51 -7.94 9.65 8.29
N GLY A 52 -8.31 9.80 7.02
CA GLY A 52 -7.96 8.86 5.98
C GLY A 52 -8.96 7.72 5.90
N THR A 53 -8.64 6.76 5.04
CA THR A 53 -9.41 5.58 4.81
C THR A 53 -8.57 4.35 5.12
N PRO A 54 -9.21 3.17 5.29
CA PRO A 54 -8.46 2.00 5.76
C PRO A 54 -7.18 1.57 4.99
N PRO A 55 -7.18 1.69 3.65
CA PRO A 55 -5.92 1.36 2.92
C PRO A 55 -4.73 2.25 3.28
N SER A 56 -4.95 3.40 3.93
CA SER A 56 -3.85 4.25 4.36
C SER A 56 -3.31 3.91 5.77
N LEU A 57 -3.98 3.04 6.54
CA LEU A 57 -3.54 2.80 7.92
C LEU A 57 -2.09 2.30 8.07
N TYR A 58 -1.70 1.38 7.21
CA TYR A 58 -0.40 0.75 7.37
C TYR A 58 0.70 1.79 7.28
N ASP A 59 0.57 2.63 6.27
CA ASP A 59 1.52 3.73 6.10
C ASP A 59 1.40 4.80 7.16
N GLN A 60 0.22 5.01 7.73
CA GLN A 60 0.12 5.98 8.83
C GLN A 60 1.04 5.61 9.97
N ALA A 61 1.13 4.32 10.30
CA ALA A 61 2.02 3.89 11.37
C ALA A 61 3.47 3.89 10.90
N LYS A 62 3.74 3.31 9.74
CA LYS A 62 5.11 3.21 9.25
C LYS A 62 5.72 4.62 9.16
N ASP A 63 4.97 5.60 8.68
CA ASP A 63 5.44 6.99 8.49
C ASP A 63 5.41 7.85 9.75
N GLY A 64 4.83 7.36 10.85
CA GLY A 64 4.84 8.08 12.12
C GLY A 64 3.78 9.15 12.24
N GLN A 65 2.76 9.09 11.38
CA GLN A 65 1.61 9.97 11.57
C GLN A 65 0.80 9.59 12.80
N VAL A 66 0.70 8.27 13.02
CA VAL A 66 0.18 7.70 14.26
C VAL A 66 1.20 6.67 14.73
N ASP A 67 1.01 6.12 15.92
CA ASP A 67 2.01 5.22 16.48
C ASP A 67 1.69 3.74 16.29
N ILE A 68 0.41 3.40 16.31
CA ILE A 68 -0.05 2.02 16.19
C ILE A 68 -1.29 2.00 15.30
N ILE A 69 -1.41 0.98 14.46
CA ILE A 69 -2.62 0.77 13.71
C ILE A 69 -3.08 -0.67 13.80
N TRP A 70 -4.34 -0.88 13.46
CA TRP A 70 -4.93 -2.21 13.30
C TRP A 70 -5.53 -2.24 11.92
N THR A 71 -5.08 -3.15 11.05
CA THR A 71 -5.56 -3.16 9.70
C THR A 71 -5.50 -4.55 9.08
N VAL A 72 -6.11 -4.65 7.90
CA VAL A 72 -6.09 -5.82 7.03
C VAL A 72 -4.95 -5.61 6.04
N LEU A 73 -3.99 -6.52 6.01
CA LEU A 73 -2.88 -6.40 5.04
C LEU A 73 -3.39 -6.25 3.61
N GLY A 74 -4.38 -7.08 3.26
CA GLY A 74 -4.94 -7.14 1.92
C GLY A 74 -5.69 -5.91 1.45
N TYR A 75 -5.92 -4.93 2.34
CA TYR A 75 -6.44 -3.65 1.90
C TYR A 75 -5.51 -2.99 0.88
N ASN A 76 -4.22 -3.32 0.95
CA ASN A 76 -3.21 -2.96 -0.07
C ASN A 76 -2.94 -4.25 -0.88
N SER A 77 -3.83 -4.59 -1.78
CA SER A 77 -3.73 -5.89 -2.44
C SER A 77 -2.46 -6.02 -3.24
N GLY A 78 -1.79 -7.16 -3.03
CA GLY A 78 -0.50 -7.46 -3.66
C GLY A 78 0.74 -6.99 -2.91
N ARG A 79 0.56 -6.19 -1.87
CA ARG A 79 1.68 -5.59 -1.14
C ARG A 79 2.47 -6.55 -0.26
N PHE A 80 1.81 -7.60 0.20
CA PHE A 80 2.37 -8.59 1.11
C PHE A 80 2.19 -10.00 0.51
N PRO A 81 2.97 -10.31 -0.54
CA PRO A 81 2.67 -11.54 -1.27
C PRO A 81 2.85 -12.85 -0.47
N ARG A 82 3.81 -12.88 0.44
CA ARG A 82 3.95 -14.06 1.32
C ARG A 82 2.76 -14.24 2.25
N ALA A 83 2.16 -13.13 2.70
CA ALA A 83 0.99 -13.20 3.58
C ALA A 83 -0.19 -13.86 2.91
N GLU A 84 -0.27 -13.75 1.57
CA GLU A 84 -1.45 -14.21 0.83
C GLU A 84 -1.72 -15.72 0.97
N VAL A 85 -0.71 -16.47 1.40
CA VAL A 85 -0.89 -17.91 1.62
C VAL A 85 -2.02 -18.19 2.63
N PHE A 86 -2.20 -17.24 3.55
CA PHE A 86 -3.26 -17.38 4.58
C PHE A 86 -4.68 -17.11 4.12
N ASP A 87 -4.82 -16.66 2.87
CA ASP A 87 -6.11 -16.47 2.20
C ASP A 87 -6.64 -17.76 1.55
N LEU A 88 -5.84 -18.83 1.52
CA LEU A 88 -6.24 -19.99 0.72
C LEU A 88 -7.43 -20.75 1.33
N PRO A 89 -8.27 -21.33 0.47
CA PRO A 89 -9.47 -22.02 0.98
C PRO A 89 -9.14 -23.19 1.87
N PHE A 90 -9.87 -23.30 2.98
CA PHE A 90 -9.71 -24.37 3.95
C PHE A 90 -8.34 -24.52 4.58
N LEU A 91 -7.53 -23.46 4.53
CA LEU A 91 -6.32 -23.41 5.34
C LEU A 91 -6.59 -23.23 6.84
N PRO A 92 -7.53 -22.32 7.24
CA PRO A 92 -7.58 -22.01 8.66
C PRO A 92 -8.38 -23.02 9.48
N THR A 93 -8.15 -22.97 10.78
CA THR A 93 -8.94 -23.74 11.75
C THR A 93 -9.79 -22.73 12.54
N SER A 94 -9.36 -22.36 13.74
CA SER A 94 -10.00 -21.29 14.47
C SER A 94 -9.27 -20.00 14.15
N GLY A 95 -9.93 -18.87 14.35
CA GLY A 95 -9.21 -17.59 14.35
C GLY A 95 -8.06 -17.57 15.35
N ALA A 96 -8.26 -18.12 16.55
CA ALA A 96 -7.21 -18.16 17.57
C ALA A 96 -5.93 -18.91 17.13
N ALA A 97 -6.10 -20.17 16.73
CA ALA A 97 -4.95 -21.00 16.37
C ALA A 97 -4.35 -20.52 15.03
N THR A 98 -5.18 -20.12 14.08
CA THR A 98 -4.66 -19.64 12.77
C THR A 98 -3.89 -18.34 12.99
N SER A 99 -4.37 -17.52 13.90
CA SER A 99 -3.66 -16.29 14.30
C SER A 99 -2.24 -16.55 14.84
N GLN A 100 -2.12 -17.49 15.77
CA GLN A 100 -0.83 -17.86 16.33
C GLN A 100 0.09 -18.38 15.21
N ALA A 101 -0.48 -19.13 14.29
CA ALA A 101 0.27 -19.63 13.15
C ALA A 101 0.72 -18.48 12.21
N ALA A 102 -0.17 -17.52 11.95
CA ALA A 102 0.19 -16.36 11.13
C ALA A 102 1.29 -15.56 11.75
N HIS A 103 1.26 -15.37 13.07
CA HIS A 103 2.30 -14.58 13.71
C HIS A 103 3.68 -15.24 13.53
N GLU A 104 3.74 -16.54 13.80
CA GLU A 104 5.00 -17.25 13.70
C GLU A 104 5.46 -17.26 12.25
N TYR A 105 4.55 -17.47 11.30
CA TYR A 105 4.89 -17.45 9.87
C TYR A 105 5.48 -16.10 9.47
N ALA A 106 4.82 -15.04 9.93
CA ALA A 106 5.29 -13.70 9.65
C ALA A 106 6.66 -13.39 10.23
N MET A 107 6.92 -13.84 11.46
CA MET A 107 8.22 -13.62 12.07
C MET A 107 9.32 -14.37 11.33
N THR A 108 8.98 -15.53 10.78
CA THR A 108 9.95 -16.34 10.00
C THR A 108 10.17 -15.78 8.56
N HIS A 109 9.07 -15.47 7.86
CA HIS A 109 9.10 -15.24 6.43
C HIS A 109 8.87 -13.83 5.98
N MET A 110 8.26 -13.01 6.84
CA MET A 110 7.82 -11.66 6.43
C MET A 110 8.65 -10.52 7.01
N GLN A 111 9.94 -10.74 7.25
CA GLN A 111 10.75 -9.70 7.87
C GLN A 111 10.95 -8.53 6.94
N ASP A 112 11.12 -8.80 5.65
CA ASP A 112 11.20 -7.71 4.67
C ASP A 112 9.83 -7.15 4.35
N GLU A 113 8.82 -8.01 4.23
CA GLU A 113 7.46 -7.51 3.89
C GLU A 113 6.92 -6.54 4.94
N LEU A 114 7.33 -6.75 6.22
CA LEU A 114 6.88 -5.92 7.34
C LEU A 114 7.97 -4.97 7.88
N GLU A 115 9.00 -4.73 7.07
CA GLU A 115 10.08 -3.84 7.45
C GLU A 115 9.49 -2.48 7.81
N GLY A 116 9.94 -1.90 8.92
CA GLY A 116 9.45 -0.61 9.33
C GLY A 116 8.29 -0.62 10.29
N VAL A 117 7.71 -1.80 10.58
CA VAL A 117 6.75 -1.88 11.66
C VAL A 117 7.18 -2.91 12.67
N TYR A 118 6.86 -2.60 13.92
CA TYR A 118 7.03 -3.55 15.02
C TYR A 118 5.70 -4.28 15.17
N PRO A 119 5.68 -5.61 14.95
CA PRO A 119 4.41 -6.32 15.00
C PRO A 119 3.99 -6.66 16.41
N ILE A 120 3.02 -5.92 16.92
CA ILE A 120 2.43 -6.26 18.21
C ILE A 120 1.72 -7.62 18.09
N ALA A 121 0.98 -7.78 17.00
CA ALA A 121 0.33 -9.04 16.71
C ALA A 121 0.01 -9.13 15.22
N VAL A 122 0.54 -10.16 14.56
CA VAL A 122 0.11 -10.55 13.23
C VAL A 122 -0.87 -11.67 13.44
N HIS A 123 -2.07 -11.51 12.93
CA HIS A 123 -3.13 -12.48 13.24
C HIS A 123 -4.07 -12.67 12.07
N THR A 124 -5.13 -13.45 12.24
CA THR A 124 -6.21 -13.54 11.26
C THR A 124 -7.53 -13.26 11.93
N HIS A 125 -8.55 -13.02 11.14
CA HIS A 125 -9.91 -12.96 11.69
C HIS A 125 -10.53 -14.34 11.79
N SER A 126 -11.73 -14.41 12.33
CA SER A 126 -12.39 -15.71 12.48
C SER A 126 -12.81 -16.15 11.08
N PRO A 127 -12.73 -17.45 10.80
CA PRO A 127 -13.04 -17.89 9.46
C PRO A 127 -14.45 -17.58 8.99
N GLY A 128 -14.55 -17.25 7.71
CA GLY A 128 -15.81 -16.82 7.16
C GLY A 128 -16.71 -17.97 6.79
N ALA A 129 -17.82 -17.59 6.15
CA ALA A 129 -18.88 -18.53 5.83
C ALA A 129 -19.63 -18.01 4.60
N LEU A 130 -20.54 -18.80 4.08
CA LEU A 130 -21.32 -18.46 2.90
C LEU A 130 -22.66 -17.86 3.31
N HIS A 131 -22.97 -16.67 2.82
CA HIS A 131 -24.18 -15.96 3.27
C HIS A 131 -24.94 -15.59 2.01
N THR A 132 -26.20 -16.02 1.89
CA THR A 132 -26.99 -15.70 0.71
C THR A 132 -28.40 -15.18 1.12
N LYS A 133 -29.06 -14.52 0.18
CA LYS A 133 -30.40 -13.97 0.40
C LYS A 133 -31.46 -15.07 0.38
N GLU A 134 -31.34 -15.98 -0.59
CA GLU A 134 -32.40 -16.96 -0.89
C GLU A 134 -31.96 -18.42 -0.93
N THR A 135 -30.84 -18.69 -1.60
CA THR A 135 -30.37 -20.03 -1.88
C THR A 135 -29.85 -20.69 -0.61
N ARG A 136 -30.47 -21.80 -0.20
CA ARG A 136 -29.97 -22.62 0.89
C ARG A 136 -28.94 -23.56 0.30
N ILE A 137 -27.66 -23.31 0.61
CA ILE A 137 -26.56 -24.06 0.01
C ILE A 137 -26.33 -25.33 0.80
N GLU A 138 -26.80 -26.45 0.25
CA GLU A 138 -26.67 -27.76 0.88
C GLU A 138 -25.72 -28.66 0.14
N ALA A 139 -25.26 -28.23 -1.03
CA ALA A 139 -24.29 -29.01 -1.81
C ALA A 139 -23.57 -28.07 -2.75
N LEU A 140 -22.41 -28.52 -3.21
CA LEU A 140 -21.59 -27.74 -4.13
C LEU A 140 -22.40 -27.17 -5.29
N GLU A 141 -23.29 -27.98 -5.86
CA GLU A 141 -24.10 -27.61 -7.01
C GLU A 141 -24.89 -26.33 -6.77
N ASP A 142 -25.33 -26.11 -5.52
CA ASP A 142 -26.20 -25.00 -5.17
C ASP A 142 -25.54 -23.62 -5.30
N ILE A 143 -24.22 -23.54 -5.29
CA ILE A 143 -23.56 -22.21 -5.46
C ILE A 143 -23.35 -21.87 -6.93
N GLU A 144 -23.51 -22.84 -7.83
CA GLU A 144 -23.26 -22.63 -9.25
C GLU A 144 -24.19 -21.54 -9.77
N GLY A 145 -23.62 -20.58 -10.50
CA GLY A 145 -24.37 -19.44 -11.02
C GLY A 145 -24.69 -18.29 -10.08
N LEU A 146 -24.39 -18.42 -8.77
CA LEU A 146 -24.69 -17.35 -7.82
C LEU A 146 -23.67 -16.23 -7.96
N LYS A 147 -24.15 -14.99 -7.87
CA LYS A 147 -23.28 -13.81 -7.90
C LYS A 147 -22.84 -13.54 -6.46
N MET A 148 -21.55 -13.81 -6.18
CA MET A 148 -21.01 -13.78 -4.83
C MET A 148 -19.84 -12.82 -4.73
N ARG A 149 -19.90 -11.93 -3.74
CA ARG A 149 -18.75 -11.08 -3.45
C ARG A 149 -17.74 -11.78 -2.52
N GLY A 150 -16.56 -12.11 -3.03
CA GLY A 150 -15.51 -12.62 -2.16
C GLY A 150 -14.71 -11.45 -1.60
N PRO A 151 -14.04 -11.66 -0.47
CA PRO A 151 -13.31 -10.57 0.16
C PRO A 151 -11.81 -10.59 -0.16
N SER A 152 -11.37 -11.52 -0.99
CA SER A 152 -9.99 -11.50 -1.49
C SER A 152 -9.89 -12.12 -2.87
N ARG A 153 -8.74 -11.89 -3.50
CA ARG A 153 -8.42 -12.46 -4.79
C ARG A 153 -8.54 -13.98 -4.79
N LEU A 154 -7.95 -14.61 -3.79
CA LEU A 154 -7.95 -16.07 -3.76
C LEU A 154 -9.30 -16.67 -3.48
N VAL A 155 -10.10 -16.02 -2.61
CA VAL A 155 -11.46 -16.46 -2.41
C VAL A 155 -12.31 -16.24 -3.67
N ASN A 156 -12.12 -15.14 -4.36
CA ASN A 156 -12.82 -14.99 -5.63
C ASN A 156 -12.43 -16.04 -6.66
N ARG A 157 -11.15 -16.39 -6.72
CA ARG A 157 -10.71 -17.47 -7.60
C ARG A 157 -11.37 -18.81 -7.21
N TYR A 158 -11.45 -19.07 -5.91
CA TYR A 158 -12.14 -20.27 -5.41
C TYR A 158 -13.61 -20.26 -5.84
N LEU A 159 -14.27 -19.11 -5.69
CA LEU A 159 -15.67 -18.99 -6.05
C LEU A 159 -15.87 -19.31 -7.51
N ALA A 160 -14.99 -18.82 -8.37
CA ALA A 160 -15.05 -19.14 -9.79
C ALA A 160 -14.84 -20.62 -10.07
N LYS A 161 -13.94 -21.28 -9.34
CA LYS A 161 -13.76 -22.74 -9.51
C LYS A 161 -14.98 -23.55 -9.07
N LEU A 162 -15.70 -23.05 -8.07
CA LEU A 162 -16.92 -23.70 -7.59
C LEU A 162 -18.10 -23.52 -8.54
N GLY A 163 -17.98 -22.60 -9.47
CA GLY A 163 -18.99 -22.32 -10.47
C GLY A 163 -19.84 -21.12 -10.16
N ALA A 164 -19.56 -20.43 -9.05
CA ALA A 164 -20.20 -19.16 -8.75
C ALA A 164 -19.57 -18.09 -9.63
N GLU A 165 -20.23 -16.95 -9.72
CA GLU A 165 -19.72 -15.81 -10.47
C GLU A 165 -19.21 -14.80 -9.43
N PRO A 166 -17.88 -14.72 -9.26
CA PRO A 166 -17.39 -13.81 -8.23
C PRO A 166 -17.45 -12.36 -8.72
N ILE A 167 -17.84 -11.44 -7.84
CA ILE A 167 -17.98 -10.03 -8.23
C ILE A 167 -17.14 -9.24 -7.26
N GLY A 168 -16.16 -8.52 -7.78
CA GLY A 168 -15.33 -7.64 -6.95
C GLY A 168 -15.94 -6.25 -6.83
N MET A 169 -16.00 -5.73 -5.60
CA MET A 169 -16.39 -4.34 -5.40
C MET A 169 -16.01 -3.89 -4.00
N PRO A 170 -15.84 -2.56 -3.81
CA PRO A 170 -15.56 -2.10 -2.45
C PRO A 170 -16.65 -2.57 -1.49
N VAL A 171 -16.24 -2.70 -0.23
CA VAL A 171 -17.06 -3.27 0.81
C VAL A 171 -18.33 -2.43 1.02
N ALA A 172 -18.20 -1.11 0.91
CA ALA A 172 -19.36 -0.18 1.08
C ALA A 172 -20.48 -0.36 0.04
N GLN A 173 -20.12 -0.87 -1.13
CA GLN A 173 -21.10 -1.18 -2.17
C GLN A 173 -21.90 -2.48 -1.92
N ALA A 174 -21.44 -3.32 -0.97
CA ALA A 174 -22.03 -4.65 -0.63
C ALA A 174 -23.50 -4.65 -0.34
N LEU A 175 -23.90 -4.00 0.75
CA LEU A 175 -25.30 -4.00 1.21
C LEU A 175 -26.22 -3.63 0.07
N GLU A 176 -25.82 -2.61 -0.67
CA GLU A 176 -26.64 -2.07 -1.72
C GLU A 176 -26.69 -2.93 -2.99
N ALA A 177 -25.59 -3.60 -3.35
CA ALA A 177 -25.59 -4.50 -4.49
C ALA A 177 -26.45 -5.73 -4.20
N LEU A 178 -26.46 -6.18 -2.95
CA LEU A 178 -27.33 -7.27 -2.52
C LEU A 178 -28.80 -6.85 -2.62
N SER A 179 -29.10 -5.68 -2.07
CA SER A 179 -30.48 -5.14 -2.11
C SER A 179 -30.96 -4.88 -3.54
N ARG A 180 -30.07 -4.35 -4.36
CA ARG A 180 -30.35 -4.15 -5.80
C ARG A 180 -30.37 -5.47 -6.59
N GLY A 181 -29.96 -6.59 -5.99
CA GLY A 181 -29.92 -7.87 -6.73
C GLY A 181 -28.79 -8.02 -7.73
N VAL A 182 -27.74 -7.22 -7.62
CA VAL A 182 -26.52 -7.42 -8.42
C VAL A 182 -25.75 -8.62 -7.85
N LEU A 183 -25.84 -8.77 -6.53
CA LEU A 183 -25.29 -9.91 -5.79
C LEU A 183 -26.38 -10.81 -5.20
N ASP A 184 -26.11 -12.12 -5.19
CA ASP A 184 -26.92 -13.10 -4.39
C ASP A 184 -26.42 -13.29 -2.96
N GLY A 185 -25.11 -13.10 -2.76
CA GLY A 185 -24.54 -13.30 -1.45
C GLY A 185 -23.11 -12.85 -1.39
N THR A 186 -22.49 -13.19 -0.27
CA THR A 186 -21.13 -12.76 0.04
C THR A 186 -20.47 -13.74 1.00
N VAL A 187 -19.14 -13.70 1.04
CA VAL A 187 -18.34 -14.59 1.87
C VAL A 187 -17.57 -13.75 2.87
N ILE A 188 -17.96 -13.84 4.14
CA ILE A 188 -17.42 -13.04 5.23
C ILE A 188 -17.77 -13.74 6.56
N PRO A 189 -17.18 -13.32 7.68
CA PRO A 189 -17.58 -13.89 8.96
C PRO A 189 -18.97 -13.41 9.41
N PHE A 190 -19.59 -14.15 10.32
CA PHE A 190 -20.90 -13.77 10.86
C PHE A 190 -20.90 -12.40 11.53
N GLU A 191 -19.80 -12.06 12.22
CA GLU A 191 -19.73 -10.77 12.92
C GLU A 191 -19.79 -9.63 11.92
N ALA A 192 -19.13 -9.82 10.77
CA ALA A 192 -19.17 -8.84 9.68
C ALA A 192 -20.55 -8.71 9.03
N ILE A 193 -21.29 -9.83 8.92
CA ILE A 193 -22.65 -9.77 8.36
C ILE A 193 -23.52 -8.82 9.19
N THR A 194 -23.47 -8.95 10.51
CA THR A 194 -24.36 -8.20 11.39
C THR A 194 -23.94 -6.74 11.41
N ALA A 195 -22.65 -6.49 11.64
CA ALA A 195 -22.09 -5.13 11.63
C ALA A 195 -22.31 -4.35 10.33
N MET A 196 -22.33 -5.06 9.19
CA MET A 196 -22.66 -4.46 7.89
C MET A 196 -24.17 -4.21 7.62
N GLY A 197 -25.04 -4.57 8.58
CA GLY A 197 -26.48 -4.43 8.38
C GLY A 197 -27.05 -5.41 7.38
N LEU A 198 -26.50 -6.64 7.37
CA LEU A 198 -26.91 -7.67 6.41
C LEU A 198 -27.70 -8.84 7.03
N ALA A 199 -27.87 -8.85 8.35
CA ALA A 199 -28.43 -10.01 9.07
C ALA A 199 -29.84 -10.42 8.64
N ASP A 200 -30.61 -9.46 8.12
CA ASP A 200 -31.97 -9.69 7.59
C ASP A 200 -32.03 -9.74 6.06
N ILE A 201 -30.91 -9.46 5.39
CA ILE A 201 -30.83 -9.50 3.93
C ILE A 201 -30.29 -10.87 3.47
N THR A 202 -29.16 -11.30 4.06
CA THR A 202 -28.59 -12.64 3.79
C THR A 202 -28.92 -13.54 4.97
N THR A 203 -30.06 -14.24 4.88
CA THR A 203 -30.57 -15.05 5.99
C THR A 203 -30.28 -16.57 5.88
N GLU A 204 -29.62 -17.00 4.80
CA GLU A 204 -29.16 -18.37 4.62
C GLU A 204 -27.65 -18.36 4.81
N HIS A 205 -27.16 -19.27 5.66
CA HIS A 205 -25.74 -19.30 6.03
C HIS A 205 -25.25 -20.72 6.01
N THR A 206 -24.16 -20.98 5.28
CA THR A 206 -23.61 -22.31 5.24
C THR A 206 -22.21 -22.33 5.80
N ILE A 207 -21.99 -23.30 6.67
CA ILE A 207 -20.70 -23.60 7.31
C ILE A 207 -20.41 -25.09 7.02
N PHE A 208 -19.25 -25.58 7.46
CA PHE A 208 -18.74 -26.89 7.02
C PHE A 208 -18.43 -27.78 8.21
N SER A 209 -18.21 -29.06 7.91
CA SER A 209 -17.85 -30.08 8.90
C SER A 209 -16.35 -30.21 8.97
N GLY A 210 -15.86 -30.52 10.15
CA GLY A 210 -14.45 -30.84 10.32
C GLY A 210 -13.62 -29.69 10.80
N ASP A 211 -12.32 -29.98 10.84
CA ASP A 211 -11.35 -29.19 11.57
C ASP A 211 -10.64 -28.19 10.67
N ARG A 212 -11.19 -27.89 9.50
CA ARG A 212 -10.76 -26.73 8.69
C ARG A 212 -11.98 -25.95 8.23
N ALA A 213 -11.83 -24.63 8.16
CA ALA A 213 -12.93 -23.72 7.81
C ALA A 213 -12.61 -22.96 6.55
N LEU A 214 -13.61 -22.25 6.05
CA LEU A 214 -13.63 -21.78 4.67
C LEU A 214 -12.44 -20.90 4.30
N TYR A 215 -12.23 -19.81 5.01
CA TYR A 215 -11.14 -18.90 4.65
C TYR A 215 -10.92 -17.91 5.78
N THR A 216 -9.76 -17.27 5.78
CA THR A 216 -9.57 -16.04 6.56
C THR A 216 -8.61 -15.12 5.79
N THR A 217 -8.18 -14.03 6.42
CA THR A 217 -7.12 -13.19 5.84
C THR A 217 -6.26 -12.63 6.96
N MET A 218 -5.05 -12.18 6.62
CA MET A 218 -4.10 -11.75 7.63
C MET A 218 -4.28 -10.28 7.99
N MET A 219 -4.22 -10.04 9.30
CA MET A 219 -4.36 -8.68 9.86
C MET A 219 -3.15 -8.38 10.72
N ILE A 220 -2.99 -7.11 11.11
CA ILE A 220 -1.87 -6.75 11.93
C ILE A 220 -2.20 -5.62 12.88
N VAL A 221 -1.68 -5.75 14.09
CA VAL A 221 -1.56 -4.63 15.02
C VAL A 221 -0.08 -4.24 14.90
N ALA A 222 0.16 -3.10 14.25
CA ALA A 222 1.48 -2.69 13.84
C ALA A 222 1.86 -1.36 14.48
N MET A 223 3.04 -1.33 15.09
CA MET A 223 3.56 -0.10 15.69
C MET A 223 4.65 0.48 14.76
N ASP A 224 4.72 1.80 14.63
CA ASP A 224 5.88 2.42 13.93
C ASP A 224 7.17 1.90 14.55
N GLN A 225 8.03 1.25 13.76
CA GLN A 225 9.30 0.80 14.32
C GLN A 225 10.08 1.98 14.90
N ASP A 226 9.96 3.16 14.28
CA ASP A 226 10.70 4.32 14.78
C ASP A 226 10.24 4.74 16.16
N LYS A 227 8.96 4.59 16.45
CA LYS A 227 8.45 4.96 17.76
C LYS A 227 8.89 3.97 18.83
N TYR A 228 8.82 2.67 18.52
CA TYR A 228 9.37 1.66 19.40
C TYR A 228 10.84 1.93 19.70
N ASP A 229 11.60 2.22 18.63
CA ASP A 229 13.04 2.47 18.77
C ASP A 229 13.33 3.71 19.61
N ALA A 230 12.43 4.69 19.61
CA ALA A 230 12.60 5.91 20.43
C ALA A 230 12.31 5.72 21.94
N LEU A 231 11.60 4.65 22.31
CA LEU A 231 11.26 4.44 23.71
C LEU A 231 12.50 4.07 24.50
N PRO A 232 12.58 4.52 25.78
CA PRO A 232 13.74 4.15 26.59
C PRO A 232 13.81 2.64 26.82
N GLU A 233 15.00 2.19 27.21
CA GLU A 233 15.32 0.76 27.40
C GLU A 233 14.43 0.06 28.45
N ASP A 234 13.96 0.79 29.43
CA ASP A 234 13.11 0.23 30.46
C ASP A 234 11.60 0.30 30.13
N LEU A 235 11.26 0.92 29.01
CA LEU A 235 9.87 0.92 28.53
C LEU A 235 9.61 -0.01 27.33
N GLN A 236 10.61 -0.24 26.49
CA GLN A 236 10.46 -1.17 25.38
C GLN A 236 10.00 -2.57 25.84
N PRO A 237 10.52 -3.08 26.98
CA PRO A 237 10.07 -4.40 27.44
C PRO A 237 8.61 -4.46 27.87
N ILE A 238 8.02 -3.32 28.21
CA ILE A 238 6.60 -3.29 28.54
C ILE A 238 5.77 -3.57 27.28
N ILE A 239 6.12 -2.94 26.17
CA ILE A 239 5.53 -3.29 24.87
C ILE A 239 5.77 -4.78 24.51
N ASP A 240 7.00 -5.26 24.70
CA ASP A 240 7.36 -6.64 24.32
C ASP A 240 6.50 -7.65 25.11
N ALA A 241 6.17 -7.30 26.36
CA ALA A 241 5.36 -8.16 27.24
C ALA A 241 3.91 -8.25 26.82
N HIS A 242 3.47 -7.34 25.95
CA HIS A 242 2.13 -7.30 25.38
C HIS A 242 2.16 -7.34 23.84
N ALA A 243 3.09 -8.16 23.33
CA ALA A 243 3.29 -8.38 21.89
C ALA A 243 3.66 -9.82 21.63
N GLY A 244 3.35 -10.31 20.45
CA GLY A 244 3.77 -11.65 20.01
C GLY A 244 2.62 -12.59 19.74
N GLY A 245 2.97 -13.86 19.55
CA GLY A 245 2.03 -14.87 19.10
C GLY A 245 0.89 -15.18 20.06
N ARG A 246 1.13 -15.01 21.36
CA ARG A 246 0.05 -15.19 22.37
C ARG A 246 -0.97 -14.04 22.33
N GLU A 247 -0.52 -12.82 21.98
CA GLU A 247 -1.44 -11.73 21.69
C GLU A 247 -2.26 -12.02 20.43
N ALA A 248 -1.62 -12.54 19.39
CA ALA A 248 -2.31 -12.89 18.16
C ALA A 248 -3.42 -13.93 18.44
N TYR A 249 -3.06 -14.94 19.25
CA TYR A 249 -4.03 -15.99 19.66
C TYR A 249 -5.25 -15.37 20.34
N ARG A 250 -4.98 -14.45 21.25
CA ARG A 250 -6.06 -13.78 22.00
C ARG A 250 -6.98 -12.95 21.10
N ILE A 251 -6.41 -12.19 20.14
CA ILE A 251 -7.21 -11.42 19.21
C ILE A 251 -8.11 -12.35 18.40
N GLY A 252 -7.52 -13.41 17.85
CA GLY A 252 -8.28 -14.41 17.12
C GLY A 252 -9.39 -15.07 17.93
N GLN A 253 -9.12 -15.30 19.20
CA GLN A 253 -10.07 -15.93 20.10
C GLN A 253 -11.24 -14.98 20.34
N ILE A 254 -10.96 -13.69 20.52
CA ILE A 254 -12.04 -12.71 20.67
C ILE A 254 -12.95 -12.69 19.45
N MET A 255 -12.36 -12.74 18.27
CA MET A 255 -13.09 -12.76 17.02
C MET A 255 -13.86 -14.08 16.89
N ASP A 256 -13.26 -15.19 17.34
CA ASP A 256 -13.97 -16.49 17.37
C ASP A 256 -15.19 -16.40 18.27
N GLN A 257 -15.04 -15.82 19.46
CA GLN A 257 -16.15 -15.69 20.43
C GLN A 257 -17.26 -14.83 19.87
N ALA A 258 -16.91 -13.75 19.17
CA ALA A 258 -17.91 -12.90 18.54
C ALA A 258 -18.71 -13.61 17.45
N ASP A 259 -18.04 -14.39 16.61
CA ASP A 259 -18.74 -15.10 15.58
C ASP A 259 -19.63 -16.20 16.17
N HIS A 260 -19.14 -16.85 17.22
CA HIS A 260 -19.92 -17.88 17.93
C HIS A 260 -21.19 -17.28 18.50
N ARG A 261 -21.11 -16.08 19.07
CA ARG A 261 -22.32 -15.43 19.64
C ARG A 261 -23.35 -15.13 18.55
N GLN A 262 -22.88 -14.72 17.38
CA GLN A 262 -23.75 -14.50 16.23
C GLN A 262 -24.46 -15.81 15.79
N ILE A 263 -23.71 -16.91 15.74
CA ILE A 263 -24.29 -18.20 15.37
C ILE A 263 -25.36 -18.65 16.40
N LEU A 264 -25.03 -18.53 17.68
CA LEU A 264 -25.97 -18.83 18.78
C LEU A 264 -27.27 -18.06 18.62
N ALA A 265 -27.15 -16.78 18.27
CA ALA A 265 -28.33 -15.92 18.11
C ALA A 265 -29.24 -16.39 16.98
N ILE A 266 -28.66 -16.86 15.86
CA ILE A 266 -29.45 -17.37 14.74
C ILE A 266 -30.07 -18.71 15.13
N GLN A 267 -29.27 -19.59 15.71
CA GLN A 267 -29.78 -20.91 16.15
C GLN A 267 -30.92 -20.82 17.18
N SER A 268 -30.86 -19.85 18.08
CA SER A 268 -31.93 -19.67 19.09
C SER A 268 -33.23 -19.05 18.55
N GLY A 269 -33.17 -18.39 17.40
CA GLY A 269 -34.26 -17.54 16.92
C GLY A 269 -34.13 -16.07 17.33
N GLU A 270 -33.19 -15.73 18.22
CA GLU A 270 -32.94 -14.33 18.63
C GLU A 270 -32.75 -13.46 17.40
N GLN A 271 -32.07 -14.03 16.39
CA GLN A 271 -31.91 -13.44 15.07
C GLN A 271 -32.51 -14.39 14.03
N PRO A 272 -33.09 -13.84 12.96
CA PRO A 272 -33.75 -14.69 11.99
C PRO A 272 -32.73 -15.32 11.03
N GLY A 273 -33.12 -16.44 10.42
CA GLY A 273 -32.33 -17.11 9.40
C GLY A 273 -32.02 -18.55 9.72
N THR A 274 -31.21 -19.16 8.87
CA THR A 274 -30.95 -20.57 8.99
C THR A 274 -29.45 -20.78 8.84
N ILE A 275 -28.94 -21.70 9.65
CA ILE A 275 -27.56 -22.15 9.55
C ILE A 275 -27.61 -23.60 9.05
N THR A 276 -26.99 -23.82 7.90
CA THR A 276 -26.83 -25.14 7.32
C THR A 276 -25.37 -25.58 7.50
N ARG A 277 -25.13 -26.76 8.08
CA ARG A 277 -23.77 -27.31 8.11
C ARG A 277 -23.63 -28.46 7.14
N LEU A 278 -22.69 -28.34 6.21
CA LEU A 278 -22.47 -29.41 5.25
C LEU A 278 -21.76 -30.57 5.97
N GLY A 279 -22.14 -31.80 5.62
CA GLY A 279 -21.50 -33.00 6.18
C GLY A 279 -20.06 -33.20 5.73
N SER A 280 -19.48 -34.34 6.12
CA SER A 280 -18.04 -34.55 5.96
C SER A 280 -17.66 -34.80 4.54
N GLU A 281 -18.44 -35.65 3.91
CA GLU A 281 -18.16 -36.05 2.58
C GLU A 281 -18.42 -34.90 1.62
N GLU A 282 -19.50 -34.15 1.86
CA GLU A 282 -19.75 -32.98 1.07
C GLU A 282 -18.60 -31.99 1.24
N THR A 283 -18.23 -31.73 2.50
CA THR A 283 -17.13 -30.80 2.77
C THR A 283 -15.85 -31.22 2.02
N ALA A 284 -15.59 -32.52 1.93
CA ALA A 284 -14.42 -32.99 1.18
C ALA A 284 -14.43 -32.55 -0.30
N ARG A 285 -15.61 -32.47 -0.92
CA ARG A 285 -15.73 -32.06 -2.32
C ARG A 285 -15.32 -30.60 -2.43
N TRP A 286 -15.71 -29.77 -1.47
CA TRP A 286 -15.32 -28.36 -1.47
C TRP A 286 -13.80 -28.21 -1.25
N GLN A 287 -13.25 -29.04 -0.36
CA GLN A 287 -11.81 -29.04 -0.12
C GLN A 287 -11.01 -29.47 -1.35
N ALA A 288 -11.53 -30.44 -2.12
CA ALA A 288 -10.89 -30.87 -3.35
C ALA A 288 -10.78 -29.74 -4.37
N VAL A 289 -11.84 -28.94 -4.49
CA VAL A 289 -11.78 -27.76 -5.35
C VAL A 289 -10.77 -26.77 -4.77
N GLY A 290 -10.78 -26.62 -3.46
CA GLY A 290 -9.83 -25.75 -2.76
C GLY A 290 -8.39 -26.09 -3.08
N GLN A 291 -8.10 -27.38 -3.15
CA GLN A 291 -6.73 -27.85 -3.45
C GLN A 291 -6.22 -27.34 -4.82
N GLU A 292 -7.13 -27.18 -5.77
CA GLU A 292 -6.78 -26.60 -7.09
C GLU A 292 -6.30 -25.15 -6.97
N VAL A 293 -6.93 -24.39 -6.08
CA VAL A 293 -6.53 -23.01 -5.83
C VAL A 293 -5.16 -22.98 -5.17
N VAL A 294 -4.92 -23.89 -4.25
CA VAL A 294 -3.64 -24.02 -3.56
C VAL A 294 -2.54 -24.33 -4.56
N ASP A 295 -2.78 -25.35 -5.36
CA ASP A 295 -1.79 -25.75 -6.37
C ASP A 295 -1.50 -24.63 -7.39
N GLU A 296 -2.53 -23.90 -7.82
CA GLU A 296 -2.36 -22.71 -8.68
C GLU A 296 -1.56 -21.59 -8.01
N TRP A 297 -1.85 -21.33 -6.72
CA TRP A 297 -1.11 -20.33 -5.98
C TRP A 297 0.38 -20.68 -5.89
N ILE A 298 0.66 -21.95 -5.58
CA ILE A 298 2.01 -22.43 -5.41
C ILE A 298 2.77 -22.22 -6.72
N ALA A 299 2.16 -22.62 -7.84
CA ALA A 299 2.76 -22.44 -9.18
C ALA A 299 3.03 -20.99 -9.54
N GLU A 300 2.05 -20.12 -9.27
CA GLU A 300 2.19 -18.72 -9.57
C GLU A 300 3.31 -18.09 -8.70
N ALA A 301 3.36 -18.46 -7.42
CA ALA A 301 4.40 -17.98 -6.52
C ALA A 301 5.81 -18.36 -7.02
N GLU A 302 5.95 -19.61 -7.42
CA GLU A 302 7.20 -20.14 -8.00
C GLU A 302 7.62 -19.37 -9.26
N GLU A 303 6.65 -19.14 -10.15
CA GLU A 303 6.89 -18.38 -11.39
C GLU A 303 7.49 -16.99 -11.07
N LYS A 304 6.97 -16.37 -10.01
CA LYS A 304 7.45 -15.05 -9.52
C LYS A 304 8.72 -15.07 -8.62
N GLY A 305 9.33 -16.23 -8.40
CA GLY A 305 10.56 -16.34 -7.63
C GLY A 305 10.38 -16.62 -6.14
N LEU A 306 9.16 -16.86 -5.67
CA LEU A 306 8.91 -17.21 -4.25
C LEU A 306 8.91 -18.73 -4.14
N ASP A 307 9.41 -19.29 -3.04
CA ASP A 307 9.28 -20.74 -2.84
C ASP A 307 7.90 -21.04 -2.28
N GLY A 308 6.91 -21.03 -3.17
CA GLY A 308 5.53 -21.18 -2.77
C GLY A 308 5.22 -22.50 -2.10
N GLN A 309 5.84 -23.59 -2.55
CA GLN A 309 5.55 -24.89 -1.92
C GLN A 309 6.02 -24.89 -0.47
N MET A 310 7.23 -24.39 -0.23
CA MET A 310 7.79 -24.33 1.11
C MET A 310 6.89 -23.46 2.00
N LEU A 311 6.44 -22.32 1.48
CA LEU A 311 5.59 -21.39 2.27
C LEU A 311 4.26 -21.99 2.62
N TYR A 312 3.63 -22.63 1.64
CA TYR A 312 2.37 -23.32 1.90
C TYR A 312 2.56 -24.43 2.92
N ASP A 313 3.59 -25.26 2.73
CA ASP A 313 3.86 -26.30 3.69
C ASP A 313 4.10 -25.78 5.11
N ASP A 314 4.77 -24.63 5.24
CA ASP A 314 5.06 -24.07 6.54
C ASP A 314 3.79 -23.48 7.15
N ALA A 315 3.00 -22.76 6.36
CA ALA A 315 1.74 -22.18 6.87
C ALA A 315 0.85 -23.27 7.43
N THR A 316 0.69 -24.35 6.66
CA THR A 316 -0.16 -25.48 7.08
C THR A 316 0.43 -26.24 8.30
N ARG A 317 1.75 -26.43 8.34
CA ARG A 317 2.42 -27.04 9.49
C ARG A 317 2.14 -26.24 10.76
N LEU A 318 2.23 -24.92 10.65
CA LEU A 318 2.01 -24.03 11.79
C LEU A 318 0.56 -24.03 12.24
N VAL A 319 -0.37 -24.04 11.30
CA VAL A 319 -1.77 -24.12 11.65
C VAL A 319 -2.02 -25.42 12.43
N GLU A 320 -1.53 -26.53 11.91
CA GLU A 320 -1.69 -27.82 12.63
C GLU A 320 -1.08 -27.78 14.04
N ARG A 321 0.16 -27.28 14.16
CA ARG A 321 0.88 -27.14 15.45
C ARG A 321 0.01 -26.45 16.47
N TYR A 322 -0.46 -25.24 16.14
CA TYR A 322 -1.12 -24.43 17.13
C TYR A 322 -2.54 -24.87 17.44
N THR A 323 -3.20 -25.48 16.46
CA THR A 323 -4.51 -26.08 16.62
C THR A 323 -4.44 -27.27 17.58
N ARG A 324 -3.48 -28.16 17.33
CA ARG A 324 -3.23 -29.31 18.24
C ARG A 324 -2.87 -28.87 19.66
N ALA A 325 -2.01 -27.86 19.79
CA ALA A 325 -1.60 -27.36 21.11
C ALA A 325 -2.80 -26.83 21.88
N ALA A 326 -3.66 -26.08 21.17
CA ALA A 326 -4.86 -25.52 21.81
C ALA A 326 -5.86 -26.62 22.18
N ALA A 327 -6.07 -27.59 21.28
CA ALA A 327 -6.98 -28.71 21.57
C ALA A 327 -6.56 -29.46 22.83
N LEU A 328 -5.26 -29.68 22.98
CA LEU A 328 -4.70 -30.11 24.27
C LEU A 328 -4.85 -28.96 25.26
N GLN B 2 -23.05 14.40 -26.34
CA GLN B 2 -24.06 13.36 -25.93
C GLN B 2 -23.84 12.91 -24.49
N GLU B 3 -24.77 12.10 -23.97
CA GLU B 3 -24.59 11.52 -22.65
C GLU B 3 -23.41 10.55 -22.75
N ALA B 4 -22.51 10.64 -21.78
CA ALA B 4 -21.38 9.72 -21.73
C ALA B 4 -21.89 8.30 -21.52
N GLU B 5 -21.25 7.35 -22.17
CA GLU B 5 -21.45 5.93 -21.88
C GLU B 5 -20.70 5.58 -20.61
N TYR B 6 -19.49 6.14 -20.49
CA TYR B 6 -18.66 5.97 -19.29
C TYR B 6 -18.08 7.30 -18.85
N THR B 7 -18.09 7.52 -17.54
CA THR B 7 -17.46 8.67 -16.94
C THR B 7 -16.27 8.16 -16.14
N LEU B 8 -15.09 8.65 -16.50
CA LEU B 8 -13.86 8.31 -15.79
C LEU B 8 -13.51 9.41 -14.80
N ARG B 9 -13.57 9.10 -13.52
CA ARG B 9 -13.11 10.00 -12.47
C ARG B 9 -11.62 9.77 -12.21
N LEU B 10 -10.84 10.84 -12.40
CA LEU B 10 -9.40 10.87 -12.17
C LEU B 10 -9.16 11.64 -10.88
N HIS B 11 -8.43 11.02 -9.96
CA HIS B 11 -8.25 11.54 -8.61
C HIS B 11 -6.74 11.64 -8.29
N HIS B 12 -6.31 12.77 -7.76
CA HIS B 12 -4.94 12.94 -7.31
C HIS B 12 -4.83 13.99 -6.21
N PHE B 13 -3.62 14.05 -5.65
CA PHE B 13 -3.33 14.82 -4.41
C PHE B 13 -2.84 16.24 -4.66
N PHE B 14 -2.34 16.53 -5.84
CA PHE B 14 -1.74 17.84 -6.11
C PHE B 14 -2.87 18.82 -6.40
N PRO B 15 -2.62 20.12 -6.24
CA PRO B 15 -3.67 21.09 -6.51
C PRO B 15 -3.91 21.23 -8.02
N ALA B 16 -5.05 21.83 -8.39
CA ALA B 16 -5.38 22.01 -9.81
C ALA B 16 -4.36 22.93 -10.48
N SER B 17 -3.68 23.76 -9.71
CA SER B 17 -2.61 24.61 -10.22
C SER B 17 -1.32 23.87 -10.62
N ALA B 18 -1.18 22.60 -10.22
CA ALA B 18 -0.02 21.80 -10.59
C ALA B 18 0.21 21.82 -12.10
N PRO B 19 1.47 22.04 -12.53
CA PRO B 19 1.80 21.94 -13.95
C PRO B 19 1.25 20.70 -14.68
N VAL B 20 1.33 19.53 -14.06
CA VAL B 20 0.83 18.32 -14.70
C VAL B 20 -0.70 18.39 -14.86
N HIS B 21 -1.40 18.98 -13.90
CA HIS B 21 -2.86 19.11 -14.00
C HIS B 21 -3.22 20.02 -15.17
N GLN B 22 -2.60 21.20 -15.22
CA GLN B 22 -2.89 22.20 -16.26
C GLN B 22 -2.44 21.82 -17.66
N GLU B 23 -1.24 21.25 -17.79
CA GLU B 23 -0.61 21.04 -19.08
C GLU B 23 -0.71 19.61 -19.56
N TYR B 24 -1.08 18.66 -18.68
CA TYR B 24 -1.27 17.24 -19.10
C TYR B 24 -2.70 16.76 -18.91
N PHE B 25 -3.23 16.82 -17.70
CA PHE B 25 -4.59 16.25 -17.43
C PHE B 25 -5.71 17.02 -18.17
N LEU B 26 -5.63 18.34 -18.24
CA LEU B 26 -6.67 19.09 -18.97
C LEU B 26 -6.65 18.73 -20.47
N PRO B 27 -5.48 18.75 -21.14
CA PRO B 27 -5.47 18.26 -22.53
C PRO B 27 -5.85 16.78 -22.71
N TRP B 28 -5.45 15.93 -21.77
CA TRP B 28 -5.77 14.50 -21.81
C TRP B 28 -7.29 14.31 -21.80
N LYS B 29 -7.94 14.97 -20.85
CA LYS B 29 -9.41 15.01 -20.77
C LYS B 29 -10.03 15.49 -22.09
N GLU B 30 -9.52 16.58 -22.66
CA GLU B 30 -10.07 17.07 -23.93
C GLU B 30 -9.92 16.07 -25.06
N ALA B 31 -8.74 15.47 -25.15
CA ALA B 31 -8.45 14.50 -26.21
C ALA B 31 -9.36 13.29 -26.10
N ILE B 32 -9.54 12.79 -24.88
CA ILE B 32 -10.35 11.58 -24.64
C ILE B 32 -11.81 11.86 -25.00
N GLU B 33 -12.32 12.99 -24.53
CA GLU B 33 -13.71 13.39 -24.78
C GLU B 33 -13.98 13.66 -26.26
N LYS B 34 -13.09 14.38 -26.92
CA LYS B 34 -13.31 14.71 -28.33
C LYS B 34 -13.13 13.48 -29.23
N GLU B 35 -12.09 12.68 -29.01
CA GLU B 35 -11.83 11.51 -29.85
C GLU B 35 -12.85 10.38 -29.66
N SER B 36 -13.49 10.36 -28.48
CA SER B 36 -14.56 9.41 -28.23
C SER B 36 -15.92 9.95 -28.69
N ASP B 37 -15.97 11.11 -29.36
CA ASP B 37 -17.24 11.75 -29.72
C ASP B 37 -18.17 11.91 -28.51
N GLY B 38 -17.59 12.14 -27.33
CA GLY B 38 -18.36 12.33 -26.11
C GLY B 38 -18.78 11.05 -25.38
N ARG B 39 -18.44 9.90 -25.92
CA ARG B 39 -18.84 8.62 -25.30
C ARG B 39 -18.07 8.38 -24.00
N LEU B 40 -16.85 8.92 -23.93
CA LEU B 40 -16.10 8.92 -22.66
C LEU B 40 -16.02 10.34 -22.13
N ALA B 41 -16.45 10.53 -20.89
CA ALA B 41 -16.26 11.80 -20.16
C ALA B 41 -15.17 11.55 -19.15
N VAL B 42 -14.39 12.59 -18.87
CA VAL B 42 -13.28 12.50 -17.89
C VAL B 42 -13.52 13.63 -16.91
N GLU B 43 -13.61 13.31 -15.62
CA GLU B 43 -13.81 14.32 -14.58
C GLU B 43 -12.56 14.34 -13.71
N LEU B 44 -11.95 15.49 -13.57
CA LEU B 44 -10.70 15.66 -12.84
C LEU B 44 -10.93 16.12 -11.41
N TYR B 45 -10.33 15.42 -10.44
CA TYR B 45 -10.48 15.72 -9.03
C TYR B 45 -9.09 15.85 -8.38
N PRO B 46 -8.51 17.07 -8.39
CA PRO B 46 -7.28 17.30 -7.64
C PRO B 46 -7.50 17.43 -6.12
N SER B 47 -6.41 17.66 -5.39
CA SER B 47 -6.43 17.98 -3.97
C SER B 47 -7.20 16.98 -3.10
N MET B 48 -7.13 15.70 -3.47
CA MET B 48 -7.85 14.63 -2.77
C MET B 48 -9.33 14.99 -2.56
N GLN B 49 -9.92 15.66 -3.54
CA GLN B 49 -11.33 16.10 -3.45
C GLN B 49 -12.36 14.98 -3.28
N LEU B 50 -12.03 13.76 -3.71
CA LEU B 50 -12.90 12.61 -3.50
C LEU B 50 -12.61 11.80 -2.24
N GLY B 51 -11.70 12.27 -1.39
CA GLY B 51 -11.52 11.70 -0.08
C GLY B 51 -10.29 10.83 0.11
N GLY B 52 -9.93 10.62 1.37
CA GLY B 52 -8.77 9.81 1.71
C GLY B 52 -7.50 10.65 1.62
N THR B 53 -6.36 9.97 1.80
CA THR B 53 -5.05 10.57 1.84
C THR B 53 -4.20 9.93 0.72
N PRO B 54 -3.11 10.59 0.32
CA PRO B 54 -2.38 10.12 -0.86
C PRO B 54 -1.92 8.66 -0.86
N PRO B 55 -1.54 8.07 0.31
CA PRO B 55 -1.20 6.63 0.27
C PRO B 55 -2.34 5.69 -0.11
N SER B 56 -3.59 6.16 -0.08
CA SER B 56 -4.71 5.33 -0.49
C SER B 56 -5.02 5.47 -1.99
N LEU B 57 -4.36 6.36 -2.73
CA LEU B 57 -4.75 6.57 -4.12
C LEU B 57 -4.63 5.31 -5.01
N TYR B 58 -3.52 4.60 -4.91
CA TYR B 58 -3.27 3.44 -5.77
C TYR B 58 -4.39 2.41 -5.63
N ASP B 59 -4.75 2.12 -4.38
CA ASP B 59 -5.88 1.22 -4.15
C ASP B 59 -7.26 1.78 -4.49
N GLN B 60 -7.44 3.09 -4.41
CA GLN B 60 -8.71 3.69 -4.91
C GLN B 60 -8.97 3.38 -6.37
N ALA B 61 -7.93 3.41 -7.20
CA ALA B 61 -8.08 3.00 -8.60
C ALA B 61 -8.19 1.47 -8.70
N LYS B 62 -7.28 0.72 -8.09
CA LYS B 62 -7.30 -0.72 -8.25
C LYS B 62 -8.64 -1.31 -7.84
N ASP B 63 -9.19 -0.79 -6.74
CA ASP B 63 -10.48 -1.28 -6.19
C ASP B 63 -11.71 -0.69 -6.87
N GLY B 64 -11.53 0.24 -7.79
CA GLY B 64 -12.65 0.80 -8.52
C GLY B 64 -13.43 1.84 -7.77
N GLN B 65 -12.87 2.44 -6.72
CA GLN B 65 -13.56 3.56 -6.05
C GLN B 65 -13.53 4.79 -6.96
N VAL B 66 -12.43 4.95 -7.70
CA VAL B 66 -12.30 5.93 -8.76
C VAL B 66 -11.74 5.16 -9.96
N ASP B 67 -11.63 5.82 -11.10
CA ASP B 67 -11.20 5.15 -12.33
C ASP B 67 -9.74 5.33 -12.64
N ILE B 68 -9.20 6.50 -12.34
CA ILE B 68 -7.81 6.82 -12.66
C ILE B 68 -7.24 7.57 -11.48
N ILE B 69 -5.97 7.28 -11.12
CA ILE B 69 -5.27 8.04 -10.13
C ILE B 69 -3.90 8.46 -10.63
N TRP B 70 -3.37 9.51 -10.01
CA TRP B 70 -1.99 9.93 -10.19
C TRP B 70 -1.35 9.92 -8.82
N THR B 71 -0.32 9.11 -8.66
CA THR B 71 0.33 8.98 -7.37
C THR B 71 1.82 8.64 -7.47
N VAL B 72 2.48 8.73 -6.32
CA VAL B 72 3.86 8.31 -6.11
C VAL B 72 3.82 6.87 -5.57
N LEU B 73 4.49 5.97 -6.26
CA LEU B 73 4.50 4.58 -5.84
C LEU B 73 5.03 4.46 -4.42
N GLY B 74 6.06 5.22 -4.09
CA GLY B 74 6.71 5.11 -2.79
C GLY B 74 5.91 5.65 -1.61
N TYR B 75 4.75 6.26 -1.86
CA TYR B 75 3.85 6.59 -0.78
C TYR B 75 3.46 5.32 -0.03
N ASN B 76 3.49 4.14 -0.68
CA ASN B 76 3.37 2.85 0.00
C ASN B 76 4.79 2.25 0.02
N SER B 77 5.60 2.66 0.98
CA SER B 77 6.98 2.30 0.94
C SER B 77 7.14 0.80 1.02
N GLY B 78 7.97 0.28 0.12
CA GLY B 78 8.26 -1.13 0.04
C GLY B 78 7.32 -1.97 -0.78
N ARG B 79 6.21 -1.38 -1.22
CA ARG B 79 5.21 -2.12 -2.00
C ARG B 79 5.60 -2.46 -3.45
N PHE B 80 6.51 -1.67 -4.03
CA PHE B 80 6.97 -1.84 -5.40
C PHE B 80 8.50 -1.97 -5.42
N PRO B 81 9.02 -3.11 -4.94
CA PRO B 81 10.47 -3.27 -4.78
C PRO B 81 11.31 -3.08 -6.06
N ARG B 82 10.83 -3.59 -7.20
CA ARG B 82 11.57 -3.39 -8.47
C ARG B 82 11.61 -1.92 -8.89
N ALA B 83 10.53 -1.18 -8.59
CA ALA B 83 10.47 0.24 -8.91
C ALA B 83 11.53 1.06 -8.19
N GLU B 84 11.94 0.59 -7.01
CA GLU B 84 12.88 1.31 -6.14
C GLU B 84 14.24 1.56 -6.79
N VAL B 85 14.58 0.84 -7.86
CA VAL B 85 15.86 1.07 -8.49
C VAL B 85 15.92 2.52 -9.03
N PHE B 86 14.75 3.10 -9.36
CA PHE B 86 14.74 4.50 -9.89
C PHE B 86 14.93 5.59 -8.84
N ASP B 87 15.05 5.19 -7.58
CA ASP B 87 15.29 6.09 -6.47
C ASP B 87 16.81 6.29 -6.26
N LEU B 88 17.66 5.57 -6.99
CA LEU B 88 19.09 5.55 -6.66
C LEU B 88 19.75 6.88 -7.01
N PRO B 89 20.76 7.29 -6.23
CA PRO B 89 21.40 8.56 -6.49
C PRO B 89 22.13 8.57 -7.83
N PHE B 90 21.97 9.68 -8.53
CA PHE B 90 22.61 9.90 -9.83
C PHE B 90 22.23 8.95 -10.97
N LEU B 91 21.10 8.24 -10.81
CA LEU B 91 20.53 7.47 -11.89
C LEU B 91 19.85 8.33 -12.96
N PRO B 92 19.08 9.36 -12.58
CA PRO B 92 18.27 10.02 -13.59
C PRO B 92 19.03 11.06 -14.35
N THR B 93 18.50 11.38 -15.52
CA THR B 93 18.98 12.50 -16.32
C THR B 93 17.93 13.62 -16.23
N SER B 94 17.06 13.75 -17.22
CA SER B 94 15.92 14.69 -17.19
C SER B 94 14.70 13.91 -16.69
N GLY B 95 13.71 14.63 -16.18
CA GLY B 95 12.42 14.04 -15.94
C GLY B 95 11.81 13.40 -17.17
N ALA B 96 11.93 14.06 -18.32
CA ALA B 96 11.40 13.51 -19.55
C ALA B 96 12.02 12.16 -19.95
N ALA B 97 13.34 12.12 -20.07
CA ALA B 97 13.99 10.92 -20.54
C ALA B 97 13.93 9.82 -19.47
N THR B 98 14.08 10.17 -18.19
CA THR B 98 14.02 9.17 -17.11
C THR B 98 12.61 8.59 -17.04
N SER B 99 11.61 9.43 -17.29
CA SER B 99 10.20 8.97 -17.33
C SER B 99 9.95 7.91 -18.39
N GLN B 100 10.47 8.15 -19.59
CA GLN B 100 10.34 7.21 -20.68
C GLN B 100 11.06 5.91 -20.34
N ALA B 101 12.22 6.00 -19.71
CA ALA B 101 12.95 4.81 -19.24
C ALA B 101 12.15 4.03 -18.20
N ALA B 102 11.56 4.77 -17.25
CA ALA B 102 10.78 4.14 -16.19
C ALA B 102 9.58 3.38 -16.75
N HIS B 103 8.87 3.97 -17.71
CA HIS B 103 7.74 3.30 -18.33
C HIS B 103 8.14 1.97 -19.00
N GLU B 104 9.21 2.01 -19.78
CA GLU B 104 9.71 0.85 -20.45
C GLU B 104 10.13 -0.20 -19.42
N TYR B 105 10.89 0.22 -18.41
CA TYR B 105 11.31 -0.69 -17.36
C TYR B 105 10.12 -1.34 -16.70
N ALA B 106 9.09 -0.54 -16.38
CA ALA B 106 7.90 -1.08 -15.75
C ALA B 106 7.15 -2.09 -16.62
N MET B 107 7.05 -1.80 -17.92
CA MET B 107 6.36 -2.71 -18.82
C MET B 107 7.09 -4.05 -18.91
N THR B 108 8.41 -4.01 -18.77
CA THR B 108 9.24 -5.24 -18.81
C THR B 108 9.20 -6.01 -17.51
N HIS B 109 9.39 -5.32 -16.40
CA HIS B 109 9.76 -5.96 -15.13
C HIS B 109 8.70 -5.89 -14.06
N MET B 110 7.73 -4.99 -14.23
CA MET B 110 6.77 -4.70 -13.16
C MET B 110 5.35 -5.19 -13.45
N GLN B 111 5.19 -6.20 -14.29
CA GLN B 111 3.83 -6.63 -14.63
C GLN B 111 3.10 -7.21 -13.42
N ASP B 112 3.84 -7.88 -12.54
CA ASP B 112 3.25 -8.37 -11.29
C ASP B 112 3.09 -7.29 -10.25
N GLU B 113 4.09 -6.41 -10.10
CA GLU B 113 3.98 -5.32 -9.16
C GLU B 113 2.83 -4.36 -9.48
N LEU B 114 2.44 -4.23 -10.77
CA LEU B 114 1.37 -3.35 -11.17
C LEU B 114 0.11 -4.11 -11.60
N GLU B 115 -0.04 -5.36 -11.13
CA GLU B 115 -1.21 -6.14 -11.56
C GLU B 115 -2.45 -5.41 -11.08
N GLY B 116 -3.48 -5.39 -11.93
CA GLY B 116 -4.74 -4.77 -11.54
C GLY B 116 -4.87 -3.29 -11.91
N VAL B 117 -3.79 -2.69 -12.42
CA VAL B 117 -3.90 -1.37 -13.02
C VAL B 117 -3.42 -1.37 -14.45
N TYR B 118 -4.12 -0.58 -15.28
CA TYR B 118 -3.70 -0.26 -16.64
C TYR B 118 -2.84 1.02 -16.56
N PRO B 119 -1.54 0.92 -16.88
CA PRO B 119 -0.64 2.08 -16.74
C PRO B 119 -0.77 3.04 -17.92
N ILE B 120 -1.43 4.16 -17.71
CA ILE B 120 -1.49 5.24 -18.72
C ILE B 120 -0.11 5.83 -18.87
N ALA B 121 0.57 6.05 -17.76
CA ALA B 121 1.97 6.45 -17.78
C ALA B 121 2.67 6.12 -16.47
N VAL B 122 3.76 5.38 -16.56
CA VAL B 122 4.71 5.22 -15.46
C VAL B 122 5.86 6.16 -15.77
N HIS B 123 6.16 7.04 -14.84
CA HIS B 123 7.07 8.14 -15.08
C HIS B 123 7.83 8.49 -13.83
N THR B 124 8.67 9.53 -13.90
CA THR B 124 9.35 10.05 -12.73
C THR B 124 9.08 11.53 -12.69
N HIS B 125 9.35 12.14 -11.55
CA HIS B 125 9.32 13.61 -11.49
C HIS B 125 10.67 14.17 -11.94
N SER B 126 10.77 15.49 -11.91
CA SER B 126 12.00 16.16 -12.27
C SER B 126 13.01 15.93 -11.15
N PRO B 127 14.28 15.73 -11.51
CA PRO B 127 15.24 15.42 -10.46
C PRO B 127 15.35 16.53 -9.44
N GLY B 128 15.53 16.13 -8.19
CA GLY B 128 15.63 17.08 -7.12
C GLY B 128 16.99 17.66 -6.92
N ALA B 129 17.08 18.47 -5.87
CA ALA B 129 18.27 19.23 -5.56
C ALA B 129 18.42 19.37 -4.05
N LEU B 130 19.52 19.96 -3.60
CA LEU B 130 19.76 20.16 -2.17
C LEU B 130 19.31 21.56 -1.75
N HIS B 131 18.45 21.65 -0.76
CA HIS B 131 17.91 22.96 -0.31
C HIS B 131 18.22 23.12 1.16
N THR B 132 18.90 24.21 1.53
CA THR B 132 19.26 24.45 2.91
C THR B 132 18.90 25.91 3.30
N LYS B 133 18.79 26.11 4.60
CA LYS B 133 18.48 27.45 5.18
C LYS B 133 19.69 28.38 5.15
N GLU B 134 20.83 27.85 5.55
CA GLU B 134 22.03 28.68 5.78
C GLU B 134 23.26 28.20 5.01
N THR B 135 23.47 26.89 4.94
CA THR B 135 24.76 26.33 4.49
C THR B 135 24.79 26.34 2.96
N ARG B 136 25.77 27.04 2.39
CA ARG B 136 25.97 27.03 0.96
C ARG B 136 26.83 25.80 0.66
N ILE B 137 26.22 24.81 0.01
CA ILE B 137 26.91 23.55 -0.20
C ILE B 137 27.74 23.67 -1.48
N GLU B 138 29.06 23.85 -1.31
CA GLU B 138 29.98 23.99 -2.45
C GLU B 138 30.89 22.79 -2.62
N ALA B 139 30.85 21.86 -1.67
CA ALA B 139 31.68 20.68 -1.68
C ALA B 139 31.06 19.61 -0.81
N LEU B 140 31.42 18.36 -1.07
CA LEU B 140 30.86 17.23 -0.31
C LEU B 140 30.91 17.45 1.20
N GLU B 141 32.00 18.03 1.67
CA GLU B 141 32.24 18.23 3.08
C GLU B 141 31.21 19.14 3.74
N ASP B 142 30.58 20.02 2.96
CA ASP B 142 29.65 21.01 3.47
C ASP B 142 28.32 20.42 3.94
N ILE B 143 27.99 19.22 3.47
CA ILE B 143 26.75 18.59 3.92
C ILE B 143 26.92 17.80 5.23
N GLU B 144 28.18 17.56 5.64
CA GLU B 144 28.47 16.80 6.85
C GLU B 144 27.77 17.41 8.05
N GLY B 145 27.06 16.58 8.80
CA GLY B 145 26.40 16.99 10.01
C GLY B 145 25.07 17.73 9.85
N LEU B 146 24.65 18.01 8.61
CA LEU B 146 23.40 18.72 8.39
C LEU B 146 22.22 17.76 8.59
N LYS B 147 21.18 18.23 9.25
CA LYS B 147 19.94 17.47 9.43
C LYS B 147 19.07 17.68 8.19
N MET B 148 18.97 16.63 7.36
CA MET B 148 18.36 16.74 6.04
C MET B 148 17.17 15.76 5.92
N ARG B 149 16.04 16.26 5.47
CA ARG B 149 14.89 15.37 5.20
C ARG B 149 14.98 14.85 3.80
N GLY B 150 15.22 13.56 3.68
CA GLY B 150 15.21 12.94 2.38
C GLY B 150 13.82 12.49 1.98
N PRO B 151 13.61 12.32 0.67
CA PRO B 151 12.36 12.00 0.03
C PRO B 151 12.02 10.50 0.05
N SER B 152 13.02 9.65 0.25
CA SER B 152 12.89 8.21 0.05
C SER B 152 13.92 7.50 0.88
N ARG B 153 13.72 6.21 1.06
CA ARG B 153 14.66 5.39 1.81
C ARG B 153 16.09 5.46 1.27
N LEU B 154 16.21 5.32 -0.05
CA LEU B 154 17.55 5.26 -0.70
C LEU B 154 18.27 6.60 -0.71
N VAL B 155 17.53 7.70 -0.85
CA VAL B 155 18.12 9.02 -0.68
C VAL B 155 18.53 9.25 0.78
N ASN B 156 17.72 8.77 1.75
CA ASN B 156 18.13 8.89 3.16
C ASN B 156 19.41 8.10 3.40
N ARG B 157 19.55 6.93 2.79
CA ARG B 157 20.81 6.16 2.91
C ARG B 157 21.99 6.90 2.29
N TYR B 158 21.73 7.53 1.14
CA TYR B 158 22.76 8.34 0.48
C TYR B 158 23.21 9.51 1.36
N LEU B 159 22.23 10.20 1.95
CA LEU B 159 22.54 11.28 2.87
C LEU B 159 23.42 10.81 4.02
N ALA B 160 23.11 9.64 4.57
CA ALA B 160 23.88 9.09 5.68
C ALA B 160 25.32 8.81 5.24
N LYS B 161 25.48 8.26 4.04
CA LYS B 161 26.84 8.00 3.52
C LYS B 161 27.62 9.27 3.24
N LEU B 162 26.93 10.33 2.86
CA LEU B 162 27.60 11.63 2.69
C LEU B 162 28.03 12.29 4.00
N GLY B 163 27.56 11.79 5.14
CA GLY B 163 27.88 12.34 6.43
C GLY B 163 26.83 13.27 6.97
N ALA B 164 25.71 13.40 6.27
CA ALA B 164 24.54 14.14 6.77
C ALA B 164 23.77 13.23 7.71
N GLU B 165 22.86 13.83 8.48
CA GLU B 165 21.99 13.10 9.36
C GLU B 165 20.59 13.10 8.73
N PRO B 166 20.20 11.99 8.07
CA PRO B 166 18.86 11.95 7.48
C PRO B 166 17.76 11.86 8.53
N ILE B 167 16.70 12.62 8.35
CA ILE B 167 15.62 12.72 9.32
C ILE B 167 14.33 12.38 8.61
N GLY B 168 13.72 11.26 8.98
CA GLY B 168 12.39 10.89 8.49
C GLY B 168 11.28 11.57 9.27
N MET B 169 10.36 12.21 8.56
CA MET B 169 9.15 12.72 9.19
C MET B 169 8.07 12.92 8.15
N PRO B 170 6.79 12.88 8.57
CA PRO B 170 5.79 13.19 7.56
C PRO B 170 6.00 14.59 6.93
N VAL B 171 5.73 14.69 5.63
CA VAL B 171 6.00 15.90 4.84
C VAL B 171 5.30 17.16 5.35
N ALA B 172 4.11 17.00 5.97
CA ALA B 172 3.43 18.12 6.62
C ALA B 172 4.19 18.71 7.84
N GLN B 173 5.13 17.94 8.42
CA GLN B 173 5.94 18.45 9.51
C GLN B 173 7.20 19.25 9.05
N ALA B 174 7.50 19.22 7.74
CA ALA B 174 8.75 19.77 7.21
C ALA B 174 8.85 21.28 7.38
N LEU B 175 7.80 22.00 6.97
CA LEU B 175 7.77 23.47 7.09
C LEU B 175 8.04 23.91 8.51
N GLU B 176 7.32 23.33 9.47
CA GLU B 176 7.53 23.63 10.88
C GLU B 176 8.94 23.27 11.29
N ALA B 177 9.36 22.03 10.98
CA ALA B 177 10.69 21.56 11.35
C ALA B 177 11.79 22.45 10.76
N LEU B 178 11.65 22.87 9.50
CA LEU B 178 12.66 23.75 8.92
C LEU B 178 12.65 25.13 9.59
N SER B 179 11.46 25.69 9.83
CA SER B 179 11.35 26.98 10.51
C SER B 179 11.98 26.97 11.89
N ARG B 180 11.70 25.93 12.66
CA ARG B 180 12.25 25.79 14.02
C ARG B 180 13.72 25.41 14.05
N GLY B 181 14.25 24.85 12.95
CA GLY B 181 15.62 24.37 12.91
C GLY B 181 15.82 22.95 13.40
N VAL B 182 14.73 22.16 13.48
CA VAL B 182 14.86 20.70 13.67
C VAL B 182 15.53 20.10 12.42
N LEU B 183 15.27 20.72 11.28
CA LEU B 183 15.93 20.42 10.02
C LEU B 183 16.76 21.59 9.55
N ASP B 184 17.89 21.27 8.93
CA ASP B 184 18.69 22.27 8.21
C ASP B 184 18.28 22.39 6.78
N GLY B 185 17.74 21.31 6.21
CA GLY B 185 17.38 21.32 4.81
C GLY B 185 16.59 20.10 4.40
N THR B 186 16.38 20.02 3.10
CA THR B 186 15.58 18.94 2.54
C THR B 186 16.03 18.71 1.10
N VAL B 187 15.72 17.52 0.61
CA VAL B 187 16.06 17.15 -0.75
C VAL B 187 14.80 16.89 -1.56
N ILE B 188 14.51 17.79 -2.49
CA ILE B 188 13.31 17.73 -3.31
C ILE B 188 13.47 18.61 -4.54
N PRO B 189 12.55 18.52 -5.53
CA PRO B 189 12.59 19.45 -6.66
C PRO B 189 12.24 20.90 -6.26
N PHE B 190 12.69 21.84 -7.07
CA PHE B 190 12.39 23.28 -6.86
C PHE B 190 10.88 23.55 -6.80
N GLU B 191 10.12 22.88 -7.67
CA GLU B 191 8.65 23.01 -7.70
C GLU B 191 8.01 22.68 -6.37
N ALA B 192 8.50 21.63 -5.70
CA ALA B 192 8.08 21.28 -4.36
C ALA B 192 8.44 22.29 -3.27
N ILE B 193 9.64 22.86 -3.33
CA ILE B 193 10.02 23.91 -2.35
C ILE B 193 9.02 25.08 -2.38
N THR B 194 8.74 25.54 -3.59
CA THR B 194 7.82 26.68 -3.80
C THR B 194 6.44 26.24 -3.33
N ALA B 195 5.94 25.15 -3.93
CA ALA B 195 4.61 24.63 -3.60
C ALA B 195 4.39 24.32 -2.11
N MET B 196 5.44 23.94 -1.39
CA MET B 196 5.35 23.72 0.06
C MET B 196 5.55 24.96 0.94
N GLY B 197 5.73 26.13 0.31
CA GLY B 197 5.94 27.38 1.04
C GLY B 197 7.28 27.47 1.76
N LEU B 198 8.32 26.93 1.13
CA LEU B 198 9.68 26.93 1.69
C LEU B 198 10.64 27.91 0.97
N ALA B 199 10.19 28.58 -0.10
CA ALA B 199 11.11 29.37 -0.94
C ALA B 199 11.89 30.48 -0.21
N ASP B 200 11.32 31.05 0.85
CA ASP B 200 11.99 32.06 1.67
C ASP B 200 12.63 31.49 2.95
N ILE B 201 12.54 30.17 3.15
CA ILE B 201 13.14 29.51 4.32
C ILE B 201 14.44 28.76 3.94
N THR B 202 14.36 27.95 2.89
CA THR B 202 15.56 27.29 2.33
C THR B 202 15.99 28.04 1.11
N THR B 203 16.94 28.96 1.33
CA THR B 203 17.36 29.89 0.28
C THR B 203 18.71 29.53 -0.36
N GLU B 204 19.36 28.47 0.12
CA GLU B 204 20.56 27.94 -0.54
C GLU B 204 20.16 26.68 -1.29
N HIS B 205 20.55 26.59 -2.55
CA HIS B 205 20.17 25.47 -3.43
C HIS B 205 21.40 25.01 -4.20
N THR B 206 21.68 23.70 -4.16
CA THR B 206 22.80 23.13 -4.87
C THR B 206 22.34 22.11 -5.88
N ILE B 207 22.87 22.26 -7.08
CA ILE B 207 22.65 21.37 -8.24
C ILE B 207 24.03 20.96 -8.75
N PHE B 208 24.08 20.09 -9.76
CA PHE B 208 25.33 19.42 -10.13
C PHE B 208 25.67 19.61 -11.62
N SER B 209 26.90 19.23 -11.98
CA SER B 209 27.40 19.30 -13.35
C SER B 209 27.23 17.95 -14.02
N GLY B 210 26.99 18.00 -15.31
CA GLY B 210 27.03 16.82 -16.14
C GLY B 210 25.66 16.26 -16.39
N ASP B 211 25.68 15.07 -16.95
CA ASP B 211 24.53 14.49 -17.59
C ASP B 211 23.65 13.65 -16.66
N ARG B 212 23.99 13.57 -15.37
CA ARG B 212 23.15 12.87 -14.40
C ARG B 212 22.84 13.80 -13.23
N ALA B 213 21.61 13.67 -12.75
CA ALA B 213 21.09 14.50 -11.66
C ALA B 213 20.86 13.70 -10.38
N LEU B 214 20.56 14.41 -9.32
CA LEU B 214 20.66 13.88 -7.97
C LEU B 214 19.78 12.66 -7.71
N TYR B 215 18.47 12.83 -7.87
CA TYR B 215 17.57 11.71 -7.59
C TYR B 215 16.20 12.00 -8.19
N THR B 216 15.42 10.94 -8.37
CA THR B 216 13.99 11.08 -8.61
C THR B 216 13.26 9.90 -7.95
N THR B 217 11.97 9.79 -8.19
CA THR B 217 11.20 8.62 -7.75
C THR B 217 10.11 8.34 -8.79
N MET B 218 9.61 7.09 -8.78
CA MET B 218 8.64 6.63 -9.77
C MET B 218 7.22 6.99 -9.38
N MET B 219 6.49 7.48 -10.37
CA MET B 219 5.08 7.88 -10.20
C MET B 219 4.27 7.15 -11.25
N ILE B 220 2.94 7.22 -11.15
CA ILE B 220 2.06 6.51 -12.06
C ILE B 220 0.72 7.22 -12.26
N VAL B 221 0.30 7.27 -13.53
CA VAL B 221 -1.07 7.57 -13.90
C VAL B 221 -1.68 6.18 -14.18
N ALA B 222 -2.52 5.70 -13.26
CA ALA B 222 -3.00 4.33 -13.23
C ALA B 222 -4.51 4.30 -13.35
N MET B 223 -4.97 3.51 -14.31
CA MET B 223 -6.40 3.28 -14.46
C MET B 223 -6.76 1.91 -13.87
N ASP B 224 -7.94 1.81 -13.25
CA ASP B 224 -8.48 0.52 -12.81
C ASP B 224 -8.50 -0.44 -14.01
N GLN B 225 -7.82 -1.58 -13.90
CA GLN B 225 -7.82 -2.53 -15.02
C GLN B 225 -9.24 -3.00 -15.30
N ASP B 226 -10.05 -3.15 -14.24
CA ASP B 226 -11.44 -3.57 -14.41
C ASP B 226 -12.25 -2.56 -15.23
N LYS B 227 -11.98 -1.27 -15.04
CA LYS B 227 -12.71 -0.25 -15.82
C LYS B 227 -12.27 -0.23 -17.28
N TYR B 228 -10.96 -0.29 -17.54
CA TYR B 228 -10.44 -0.42 -18.89
C TYR B 228 -11.08 -1.61 -19.61
N ASP B 229 -11.11 -2.76 -18.92
CA ASP B 229 -11.66 -3.99 -19.49
C ASP B 229 -13.14 -3.87 -19.79
N ALA B 230 -13.86 -3.07 -19.00
CA ALA B 230 -15.29 -2.87 -19.17
C ALA B 230 -15.61 -2.00 -20.39
N LEU B 231 -14.65 -1.23 -20.88
CA LEU B 231 -14.93 -0.35 -22.02
C LEU B 231 -15.12 -1.17 -23.28
N PRO B 232 -16.02 -0.70 -24.17
CA PRO B 232 -16.17 -1.44 -25.40
C PRO B 232 -14.93 -1.39 -26.30
N GLU B 233 -14.86 -2.34 -27.21
CA GLU B 233 -13.71 -2.53 -28.09
C GLU B 233 -13.32 -1.32 -28.93
N ASP B 234 -14.27 -0.45 -29.26
CA ASP B 234 -13.93 0.74 -30.03
C ASP B 234 -13.58 1.97 -29.18
N LEU B 235 -13.72 1.85 -27.85
CA LEU B 235 -13.30 2.92 -26.93
C LEU B 235 -11.96 2.63 -26.28
N GLN B 236 -11.65 1.36 -26.04
CA GLN B 236 -10.33 1.00 -25.49
C GLN B 236 -9.13 1.62 -26.26
N PRO B 237 -9.17 1.59 -27.61
CA PRO B 237 -8.07 2.17 -28.39
C PRO B 237 -7.89 3.67 -28.23
N ILE B 238 -8.94 4.37 -27.77
CA ILE B 238 -8.84 5.80 -27.53
C ILE B 238 -7.97 6.00 -26.29
N ILE B 239 -8.19 5.21 -25.25
CA ILE B 239 -7.28 5.19 -24.10
C ILE B 239 -5.85 4.82 -24.52
N ASP B 240 -5.72 3.77 -25.32
CA ASP B 240 -4.41 3.28 -25.75
C ASP B 240 -3.62 4.38 -26.50
N ALA B 241 -4.34 5.19 -27.28
CA ALA B 241 -3.72 6.27 -28.06
C ALA B 241 -3.19 7.41 -27.21
N HIS B 242 -3.61 7.46 -25.93
CA HIS B 242 -3.14 8.45 -24.99
C HIS B 242 -2.56 7.78 -23.73
N ALA B 243 -1.80 6.74 -24.00
CA ALA B 243 -1.08 5.96 -22.96
C ALA B 243 0.23 5.52 -23.50
N GLY B 244 1.19 5.32 -22.60
CA GLY B 244 2.47 4.72 -22.92
C GLY B 244 3.67 5.62 -22.67
N GLY B 245 4.81 5.17 -23.17
CA GLY B 245 6.09 5.81 -22.89
C GLY B 245 6.23 7.25 -23.36
N ARG B 246 5.57 7.60 -24.47
CA ARG B 246 5.58 8.99 -24.97
C ARG B 246 4.74 9.91 -24.07
N GLU B 247 3.68 9.36 -23.44
CA GLU B 247 2.93 10.09 -22.44
C GLU B 247 3.82 10.32 -21.21
N ALA B 248 4.56 9.29 -20.82
CA ALA B 248 5.45 9.39 -19.70
C ALA B 248 6.50 10.48 -19.94
N TYR B 249 7.08 10.46 -21.13
CA TYR B 249 8.06 11.49 -21.55
C TYR B 249 7.47 12.87 -21.39
N ARG B 250 6.26 13.06 -21.89
CA ARG B 250 5.57 14.37 -21.84
C ARG B 250 5.34 14.87 -20.42
N ILE B 251 4.90 13.97 -19.54
CA ILE B 251 4.68 14.32 -18.15
C ILE B 251 6.00 14.77 -17.51
N GLY B 252 7.06 13.99 -17.69
CA GLY B 252 8.38 14.34 -17.18
C GLY B 252 8.88 15.69 -17.72
N GLN B 253 8.58 15.94 -18.98
CA GLN B 253 8.97 17.17 -19.66
C GLN B 253 8.26 18.36 -19.00
N ILE B 254 6.98 18.19 -18.70
CA ILE B 254 6.23 19.25 -18.03
C ILE B 254 6.83 19.57 -16.67
N MET B 255 7.19 18.53 -15.95
CA MET B 255 7.82 18.69 -14.66
C MET B 255 9.20 19.30 -14.79
N ASP B 256 9.95 18.94 -15.84
CA ASP B 256 11.24 19.59 -16.09
C ASP B 256 11.07 21.09 -16.31
N GLN B 257 10.08 21.49 -17.10
CA GLN B 257 9.86 22.91 -17.42
C GLN B 257 9.48 23.71 -16.19
N ALA B 258 8.64 23.15 -15.33
CA ALA B 258 8.26 23.81 -14.09
C ALA B 258 9.45 24.03 -13.19
N ASP B 259 10.32 23.03 -13.06
CA ASP B 259 11.50 23.21 -12.24
C ASP B 259 12.46 24.27 -12.82
N HIS B 260 12.70 24.23 -14.13
CA HIS B 260 13.49 25.25 -14.87
C HIS B 260 12.91 26.65 -14.62
N ARG B 261 11.59 26.81 -14.65
CA ARG B 261 10.97 28.12 -14.32
C ARG B 261 11.28 28.61 -12.90
N GLN B 262 11.30 27.70 -11.92
CA GLN B 262 11.67 28.07 -10.55
C GLN B 262 13.13 28.53 -10.49
N ILE B 263 13.99 27.83 -11.23
CA ILE B 263 15.41 28.16 -11.24
C ILE B 263 15.63 29.55 -11.85
N LEU B 264 14.97 29.83 -12.98
CA LEU B 264 15.05 31.17 -13.60
C LEU B 264 14.62 32.33 -12.69
N ALA B 265 13.57 32.10 -11.89
CA ALA B 265 13.10 33.10 -10.94
C ALA B 265 14.13 33.42 -9.85
N ILE B 266 14.84 32.41 -9.37
CA ILE B 266 15.90 32.63 -8.42
C ILE B 266 17.11 33.30 -9.09
N GLN B 267 17.50 32.79 -10.26
CA GLN B 267 18.66 33.37 -10.96
C GLN B 267 18.47 34.83 -11.30
N SER B 268 17.26 35.24 -11.65
CA SER B 268 16.96 36.66 -11.93
C SER B 268 16.93 37.57 -10.70
N GLY B 269 16.86 37.00 -9.49
CA GLY B 269 16.60 37.74 -8.28
C GLY B 269 15.15 38.09 -7.97
N GLU B 270 14.19 37.66 -8.80
CA GLU B 270 12.78 37.90 -8.45
C GLU B 270 12.38 37.05 -7.24
N GLN B 271 12.89 35.83 -7.19
CA GLN B 271 12.78 34.99 -6.01
C GLN B 271 14.14 35.01 -5.31
N PRO B 272 14.16 35.25 -4.01
CA PRO B 272 15.42 35.38 -3.27
C PRO B 272 16.08 34.02 -3.12
N GLY B 273 17.39 34.03 -2.86
CA GLY B 273 18.17 32.81 -2.69
C GLY B 273 19.27 32.68 -3.70
N THR B 274 20.03 31.59 -3.58
CA THR B 274 21.22 31.39 -4.37
C THR B 274 21.20 29.99 -4.91
N ILE B 275 21.58 29.86 -6.18
CA ILE B 275 21.78 28.57 -6.83
C ILE B 275 23.29 28.37 -7.02
N THR B 276 23.79 27.28 -6.46
CA THR B 276 25.16 26.87 -6.59
C THR B 276 25.20 25.60 -7.44
N ARG B 277 25.99 25.58 -8.53
CA ARG B 277 26.18 24.36 -9.31
C ARG B 277 27.57 23.85 -9.07
N LEU B 278 27.68 22.62 -8.58
CA LEU B 278 28.99 21.98 -8.38
C LEU B 278 29.62 21.58 -9.73
N GLY B 279 30.94 21.77 -9.82
CA GLY B 279 31.70 21.44 -11.01
C GLY B 279 31.82 19.95 -11.26
N SER B 280 32.57 19.59 -12.30
CA SER B 280 32.55 18.21 -12.83
C SER B 280 33.22 17.22 -11.95
N GLU B 281 34.41 17.62 -11.54
CA GLU B 281 35.23 16.80 -10.73
C GLU B 281 34.63 16.73 -9.32
N GLU B 282 33.99 17.81 -8.86
CA GLU B 282 33.30 17.77 -7.60
C GLU B 282 32.13 16.77 -7.65
N THR B 283 31.33 16.88 -8.70
CA THR B 283 30.19 16.02 -8.86
C THR B 283 30.59 14.53 -8.93
N ALA B 284 31.75 14.25 -9.52
CA ALA B 284 32.27 12.86 -9.53
C ALA B 284 32.45 12.27 -8.13
N ARG B 285 32.81 13.10 -7.14
CA ARG B 285 32.96 12.65 -5.76
C ARG B 285 31.60 12.23 -5.21
N TRP B 286 30.57 13.02 -5.51
CA TRP B 286 29.22 12.70 -5.05
C TRP B 286 28.71 11.41 -5.72
N GLN B 287 29.06 11.25 -7.00
CA GLN B 287 28.72 10.04 -7.73
C GLN B 287 29.41 8.79 -7.18
N ALA B 288 30.67 8.93 -6.75
CA ALA B 288 31.41 7.83 -6.15
C ALA B 288 30.73 7.35 -4.88
N VAL B 289 30.27 8.27 -4.03
CA VAL B 289 29.50 7.85 -2.85
C VAL B 289 28.17 7.20 -3.29
N GLY B 290 27.55 7.74 -4.34
CA GLY B 290 26.33 7.18 -4.87
C GLY B 290 26.47 5.73 -5.28
N GLN B 291 27.60 5.41 -5.90
CA GLN B 291 27.88 4.03 -6.36
C GLN B 291 27.84 3.03 -5.20
N GLU B 292 28.23 3.46 -3.99
CA GLU B 292 28.15 2.60 -2.82
C GLU B 292 26.70 2.24 -2.46
N VAL B 293 25.80 3.22 -2.60
CA VAL B 293 24.36 2.98 -2.41
C VAL B 293 23.78 2.01 -3.46
N VAL B 294 24.20 2.19 -4.70
CA VAL B 294 23.86 1.29 -5.81
C VAL B 294 24.30 -0.14 -5.48
N ASP B 295 25.55 -0.30 -5.09
CA ASP B 295 26.10 -1.63 -4.81
C ASP B 295 25.39 -2.29 -3.63
N GLU B 296 25.05 -1.51 -2.60
CA GLU B 296 24.29 -2.01 -1.46
C GLU B 296 22.88 -2.44 -1.86
N TRP B 297 22.23 -1.63 -2.72
CA TRP B 297 20.90 -1.96 -3.20
C TRP B 297 20.90 -3.27 -3.96
N ILE B 298 21.87 -3.41 -4.85
CA ILE B 298 22.02 -4.63 -5.64
C ILE B 298 22.15 -5.85 -4.75
N ALA B 299 22.99 -5.76 -3.72
CA ALA B 299 23.24 -6.90 -2.85
C ALA B 299 22.00 -7.22 -1.99
N GLU B 300 21.31 -6.17 -1.54
CA GLU B 300 20.11 -6.36 -0.75
C GLU B 300 19.01 -6.99 -1.58
N ALA B 301 18.91 -6.57 -2.85
CA ALA B 301 17.90 -7.10 -3.74
C ALA B 301 18.17 -8.58 -4.02
N GLU B 302 19.44 -8.91 -4.25
CA GLU B 302 19.84 -10.31 -4.49
C GLU B 302 19.58 -11.21 -3.28
N GLU B 303 19.82 -10.71 -2.06
CA GLU B 303 19.47 -11.43 -0.82
C GLU B 303 17.96 -11.74 -0.76
N LYS B 304 17.13 -10.81 -1.23
CA LYS B 304 15.68 -10.98 -1.31
C LYS B 304 15.19 -11.82 -2.50
N GLY B 305 16.10 -12.34 -3.33
CA GLY B 305 15.72 -13.18 -4.48
C GLY B 305 15.37 -12.39 -5.74
N LEU B 306 15.66 -11.08 -5.77
CA LEU B 306 15.53 -10.26 -6.98
C LEU B 306 16.85 -10.22 -7.74
N ASP B 307 16.81 -10.18 -9.08
CA ASP B 307 18.07 -10.06 -9.83
C ASP B 307 18.46 -8.60 -9.88
N GLY B 308 19.01 -8.11 -8.76
CA GLY B 308 19.31 -6.71 -8.59
C GLY B 308 20.27 -6.15 -9.61
N GLN B 309 21.28 -6.92 -9.96
CA GLN B 309 22.25 -6.47 -10.94
C GLN B 309 21.60 -6.27 -12.30
N MET B 310 20.81 -7.25 -12.76
CA MET B 310 20.17 -7.15 -14.06
C MET B 310 19.21 -5.92 -14.09
N LEU B 311 18.46 -5.74 -13.02
CA LEU B 311 17.47 -4.63 -12.96
C LEU B 311 18.16 -3.28 -12.99
N TYR B 312 19.22 -3.14 -12.21
CA TYR B 312 20.01 -1.91 -12.24
C TYR B 312 20.63 -1.64 -13.61
N ASP B 313 21.29 -2.64 -14.19
CA ASP B 313 21.84 -2.51 -15.53
C ASP B 313 20.77 -2.16 -16.56
N ASP B 314 19.56 -2.72 -16.42
CA ASP B 314 18.50 -2.42 -17.34
C ASP B 314 17.95 -0.99 -17.17
N ALA B 315 17.72 -0.57 -15.93
CA ALA B 315 17.25 0.80 -15.68
C ALA B 315 18.24 1.83 -16.25
N THR B 316 19.52 1.61 -15.97
CA THR B 316 20.57 2.51 -16.47
C THR B 316 20.69 2.47 -18.00
N ARG B 317 20.61 1.29 -18.61
CA ARG B 317 20.62 1.14 -20.07
C ARG B 317 19.49 1.94 -20.70
N LEU B 318 18.30 1.86 -20.08
CA LEU B 318 17.14 2.56 -20.58
C LEU B 318 17.22 4.07 -20.41
N VAL B 319 17.70 4.55 -19.29
CA VAL B 319 17.91 5.98 -19.08
C VAL B 319 18.88 6.49 -20.16
N GLU B 320 19.95 5.75 -20.38
CA GLU B 320 20.93 6.14 -21.43
C GLU B 320 20.29 6.19 -22.83
N ARG B 321 19.50 5.19 -23.16
CA ARG B 321 18.81 5.11 -24.45
C ARG B 321 17.94 6.31 -24.73
N TYR B 322 17.04 6.62 -23.80
CA TYR B 322 16.06 7.65 -24.07
C TYR B 322 16.64 9.04 -23.94
N THR B 323 17.68 9.19 -23.11
CA THR B 323 18.43 10.43 -23.00
C THR B 323 19.15 10.74 -24.32
N ARG B 324 19.79 9.74 -24.90
CA ARG B 324 20.50 9.89 -26.19
C ARG B 324 19.50 10.19 -27.33
N ALA B 325 18.39 9.43 -27.37
CA ALA B 325 17.34 9.65 -28.37
C ALA B 325 16.81 11.08 -28.33
N ALA B 326 16.55 11.59 -27.13
CA ALA B 326 16.05 12.95 -26.97
C ALA B 326 17.08 13.99 -27.41
N ALA B 327 18.35 13.80 -27.03
CA ALA B 327 19.41 14.75 -27.39
C ALA B 327 19.65 14.85 -28.90
N LEU B 328 19.51 13.73 -29.63
CA LEU B 328 19.57 13.78 -31.09
C LEU B 328 18.40 14.55 -31.70
#